data_4U4C
#
_entry.id   4U4C
#
_cell.length_a   156.184
_cell.length_b   166.768
_cell.length_c   131.259
_cell.angle_alpha   90.00
_cell.angle_beta   90.00
_cell.angle_gamma   90.00
#
_symmetry.space_group_name_H-M   'C 2 2 21'
#
loop_
_entity.id
_entity.type
_entity.pdbx_description
1 polymer 'ATP-dependent RNA helicase DOB1'
2 polymer 'Protein AIR2,Poly(A) RNA polymerase protein 2'
3 non-polymer 'SULFATE ION'
4 non-polymer 1,2-ETHANEDIOL
5 non-polymer 'CHLORIDE ION'
6 non-polymer 'TETRAETHYLENE GLYCOL'
7 non-polymer DI(HYDROXYETHYL)ETHER
8 water water
#
loop_
_entity_poly.entity_id
_entity_poly.type
_entity_poly.pdbx_seq_one_letter_code
_entity_poly.pdbx_strand_id
1 'polypeptide(L)'
;GAASMLADSFEQEASREVDASKGLTNSETLQVEQDGKVRLSHQVRHQVALPPNYDYTPIAEHKRVNEARTYPFTLDPFQD
TAISCIDRGESVLVSAHTSAGKTVVAEYAIAQSLKNKQRVIYTSPIKALSNQKYRELLAEFGDVGLMTGDITINPDAGCL
VMTTEILRSMLYRGSEVMREVAWVIFDEVHYMRDKERGVVWEETIILLPDKVRYVFLSATIPNAMEFAEWICKIHSQPCH
IVYTNFRPTPLQHYLFPAHGDGIYLVVDEKSTFREENFQKAMASISNQIGDDPNSTDSRGKKGQTYKGGSAKGDAKGDIY
KIVKMIWKKKYNPVIVFSFSKRDCEELALKMSKLDFNSDDEKEALTKIFNNAIALLPETDRELPQIKHILPLLRRGIGIH
HSGLLPILKEVIEILFQEGFLKVLFATETFSIGLNMPAKTVVFTSVRKWDGQQFRWVSGGEYIQMSGRAGRRGLDDRGIV
IMMIDEKMEPQVAKGMVKGQADRLDSAFHLGYNMILNLMRVEGISPEFMLEHSFFQFQNVISVPVMEKKLAELKKDFDGI
EVEDEENVKEYHEIEQAIKGYREDVRQVVTHPANALSFLQPGRLVEISVNGKDNYGWGAVVDFAKRINKRNPSAVYTDHE
SYIVNVVVNTMYIDSPVNLLKPFNPTLPEGIRPAEEGEKSICAVIPITLDSIKSIGNLRLYMPKDIRASGQKETVGKSLR
EVNRRFPDGIPVLDPVKNMKIEDEDFLKLMKKIDVLNTKLSSNPLTNSMRLEELYGKYSRKHDLHEDMKQLKRKISESQA
VIQLDDLRRRKRVLRRLGFCTPNDIIELKGRVACEISSGDELLLTELIFNGNFNELKPEQAAALLSCFAFQERCKEAPRL
KPELAEPLKAMREIAAKIAKIMKDSKIEVVEKDYVESFRHELMEVVYEWCRGATFTQICKMTDVYEGSLIRMFKRLEELV
KELVDVANTIGNSSLKEKMEAVLKLIHRDIVSAGSLYL
;
A
2 'polypeptide(L)'
;GAASMEKNTAPFVVDTAPTTPPDKLVAPSIEEVNSNPNELRALRGQGRYFGVSDDDKDAIKEAAPKHGDEKDLANNDDFI
SLSASSEDEQAEQEEEREKQELEIKKEKQKEILNTD
;
B
#
loop_
_chem_comp.id
_chem_comp.type
_chem_comp.name
_chem_comp.formula
CL non-polymer 'CHLORIDE ION' 'Cl -1'
EDO non-polymer 1,2-ETHANEDIOL 'C2 H6 O2'
PEG non-polymer DI(HYDROXYETHYL)ETHER 'C4 H10 O3'
PG4 non-polymer 'TETRAETHYLENE GLYCOL' 'C8 H18 O5'
SO4 non-polymer 'SULFATE ION' 'O4 S -2'
#
# COMPACT_ATOMS: atom_id res chain seq x y z
N HIS A 42 -21.80 14.75 -14.03
CA HIS A 42 -21.18 15.24 -12.80
C HIS A 42 -20.73 16.69 -12.97
N GLN A 43 -19.66 17.08 -12.29
CA GLN A 43 -19.10 18.42 -12.48
C GLN A 43 -17.65 18.32 -12.95
N VAL A 44 -17.27 19.26 -13.81
CA VAL A 44 -15.90 19.35 -14.32
C VAL A 44 -15.23 20.61 -13.82
N ARG A 45 -14.08 20.46 -13.17
CA ARG A 45 -13.35 21.62 -12.69
C ARG A 45 -12.13 21.87 -13.55
N HIS A 46 -11.92 23.12 -13.96
CA HIS A 46 -10.74 23.47 -14.70
C HIS A 46 -9.97 24.54 -13.99
N GLN A 47 -8.65 24.45 -14.06
CA GLN A 47 -7.78 25.51 -13.58
C GLN A 47 -6.59 25.53 -14.50
N VAL A 48 -5.76 26.56 -14.40
CA VAL A 48 -4.57 26.61 -15.21
C VAL A 48 -3.48 27.31 -14.43
N ALA A 49 -2.26 26.88 -14.64
CA ALA A 49 -1.12 27.50 -14.01
C ALA A 49 -0.39 28.23 -15.11
N LEU A 50 -0.10 29.51 -14.88
CA LEU A 50 0.46 30.31 -15.95
C LEU A 50 1.79 30.86 -15.56
N PRO A 51 2.70 30.97 -16.53
CA PRO A 51 3.98 31.65 -16.37
C PRO A 51 3.72 33.13 -16.15
N PRO A 52 4.68 33.83 -15.55
CA PRO A 52 4.50 35.27 -15.33
C PRO A 52 4.30 36.00 -16.66
N ASN A 53 3.42 37.02 -16.64
CA ASN A 53 3.13 37.82 -17.82
C ASN A 53 2.76 36.98 -19.03
N TYR A 54 1.74 36.14 -18.87
CA TYR A 54 1.34 35.27 -19.96
C TYR A 54 -0.01 35.68 -20.49
N ASP A 55 -0.13 35.63 -21.80
CA ASP A 55 -1.34 36.07 -22.46
C ASP A 55 -2.35 34.92 -22.55
N TYR A 56 -3.28 34.86 -21.61
CA TYR A 56 -4.16 33.71 -21.55
C TYR A 56 -5.58 33.96 -22.01
N THR A 57 -6.00 33.20 -23.00
CA THR A 57 -7.39 33.15 -23.42
C THR A 57 -8.09 31.99 -22.74
N PRO A 58 -9.22 32.25 -22.10
CA PRO A 58 -9.98 31.24 -21.35
C PRO A 58 -10.23 30.01 -22.18
N ILE A 59 -9.85 28.85 -21.67
CA ILE A 59 -9.93 27.62 -22.43
C ILE A 59 -11.31 27.33 -22.99
N ALA A 60 -12.37 27.73 -22.29
CA ALA A 60 -13.70 27.37 -22.74
C ALA A 60 -14.13 28.14 -24.00
N GLU A 61 -13.40 29.18 -24.38
CA GLU A 61 -13.73 29.92 -25.59
C GLU A 61 -13.10 29.30 -26.81
N HIS A 62 -12.32 28.25 -26.63
CA HIS A 62 -11.52 27.76 -27.74
C HIS A 62 -12.36 26.99 -28.73
N LYS A 63 -12.19 27.26 -30.01
CA LYS A 63 -12.89 26.48 -31.03
C LYS A 63 -11.87 25.88 -31.95
N ARG A 64 -11.75 24.56 -31.96
CA ARG A 64 -10.77 23.88 -32.75
C ARG A 64 -11.21 23.92 -34.19
N VAL A 65 -10.28 24.17 -35.10
CA VAL A 65 -10.63 24.22 -36.52
C VAL A 65 -10.96 22.84 -37.03
N ASN A 66 -10.18 21.85 -36.60
CA ASN A 66 -10.40 20.46 -36.99
C ASN A 66 -10.19 19.48 -35.86
N GLU A 67 -10.82 18.32 -35.96
CA GLU A 67 -10.61 17.30 -34.98
C GLU A 67 -9.52 16.36 -35.46
N ALA A 68 -8.44 16.26 -34.71
CA ALA A 68 -7.32 15.43 -35.15
C ALA A 68 -7.71 13.97 -35.05
N ARG A 69 -8.75 13.71 -34.29
CA ARG A 69 -9.31 12.37 -34.19
C ARG A 69 -10.78 12.51 -33.87
N THR A 70 -11.61 11.67 -34.48
CA THR A 70 -13.03 11.72 -34.17
C THR A 70 -13.44 10.48 -33.46
N TYR A 71 -14.54 10.55 -32.72
CA TYR A 71 -14.97 9.43 -31.89
C TYR A 71 -16.42 9.11 -32.15
N PRO A 72 -16.79 7.83 -31.97
CA PRO A 72 -18.18 7.47 -32.27
C PRO A 72 -19.09 7.73 -31.09
N PHE A 73 -18.76 8.73 -30.27
CA PHE A 73 -19.63 9.08 -29.18
C PHE A 73 -19.42 10.52 -28.83
N THR A 74 -20.41 11.14 -28.20
CA THR A 74 -20.28 12.51 -27.80
C THR A 74 -19.17 12.64 -26.77
N LEU A 75 -18.29 13.61 -26.96
CA LEU A 75 -17.28 13.85 -25.96
C LEU A 75 -17.92 14.34 -24.69
N ASP A 76 -17.32 13.94 -23.58
CA ASP A 76 -17.68 14.49 -22.30
C ASP A 76 -16.90 15.78 -22.17
N PRO A 77 -17.51 16.81 -21.59
CA PRO A 77 -16.84 18.11 -21.47
C PRO A 77 -15.43 18.02 -20.93
N PHE A 78 -15.12 17.06 -20.07
CA PHE A 78 -13.80 17.06 -19.48
C PHE A 78 -12.85 16.65 -20.58
N GLN A 79 -13.35 15.84 -21.51
CA GLN A 79 -12.54 15.41 -22.64
C GLN A 79 -12.37 16.57 -23.63
N ASP A 80 -13.49 17.18 -24.00
CA ASP A 80 -13.51 18.34 -24.88
C ASP A 80 -12.50 19.37 -24.41
N THR A 81 -12.61 19.76 -23.16
CA THR A 81 -11.70 20.75 -22.60
C THR A 81 -10.24 20.37 -22.75
N ALA A 82 -9.90 19.16 -22.33
CA ALA A 82 -8.50 18.74 -22.34
C ALA A 82 -7.99 18.71 -23.77
N ILE A 83 -8.86 18.29 -24.68
CA ILE A 83 -8.49 18.25 -26.07
C ILE A 83 -8.26 19.66 -26.64
N SER A 84 -9.01 20.66 -26.15
CA SER A 84 -8.73 22.01 -26.61
C SER A 84 -7.32 22.38 -26.19
N CYS A 85 -6.98 22.08 -24.95
CA CYS A 85 -5.63 22.33 -24.45
C CYS A 85 -4.62 21.75 -25.42
N ILE A 86 -4.85 20.52 -25.84
CA ILE A 86 -3.87 19.89 -26.69
C ILE A 86 -3.82 20.60 -28.01
N ASP A 87 -4.99 20.99 -28.52
CA ASP A 87 -5.03 21.69 -29.81
C ASP A 87 -4.28 23.00 -29.73
N ARG A 88 -4.32 23.62 -28.56
CA ARG A 88 -3.63 24.89 -28.36
C ARG A 88 -2.16 24.71 -28.06
N GLY A 89 -1.72 23.46 -27.98
CA GLY A 89 -0.32 23.24 -27.70
C GLY A 89 0.06 23.54 -26.26
N GLU A 90 -0.91 23.42 -25.35
CA GLU A 90 -0.66 23.60 -23.93
C GLU A 90 -0.77 22.30 -23.10
N SER A 91 0.16 22.09 -22.18
CA SER A 91 0.18 20.88 -21.34
C SER A 91 -1.03 20.79 -20.44
N VAL A 92 -1.41 19.57 -20.07
CA VAL A 92 -2.60 19.39 -19.25
C VAL A 92 -2.57 18.13 -18.39
N LEU A 93 -2.96 18.27 -17.13
CA LEU A 93 -3.14 17.16 -16.23
C LEU A 93 -4.60 16.81 -16.17
N VAL A 94 -4.95 15.61 -16.59
CA VAL A 94 -6.34 15.18 -16.46
C VAL A 94 -6.41 14.36 -15.21
N SER A 95 -7.37 14.65 -14.35
CA SER A 95 -7.48 13.92 -13.10
C SER A 95 -8.84 13.29 -12.97
N ALA A 96 -8.94 11.99 -13.23
CA ALA A 96 -10.23 11.34 -13.27
C ALA A 96 -10.13 9.85 -12.96
N HIS A 97 -11.26 9.23 -12.61
CA HIS A 97 -11.28 7.80 -12.33
C HIS A 97 -11.07 6.99 -13.59
N THR A 98 -10.59 5.77 -13.43
CA THR A 98 -10.23 4.97 -14.58
C THR A 98 -11.37 4.68 -15.55
N SER A 99 -12.57 4.38 -15.10
CA SER A 99 -13.56 4.12 -16.16
C SER A 99 -13.98 5.42 -16.92
N ALA A 100 -13.41 6.57 -16.59
CA ALA A 100 -14.03 7.82 -17.07
C ALA A 100 -13.65 8.21 -18.49
N GLY A 101 -12.64 7.55 -19.04
CA GLY A 101 -12.29 7.77 -20.43
C GLY A 101 -11.09 8.66 -20.64
N LYS A 102 -10.10 8.54 -19.78
CA LYS A 102 -8.88 9.31 -19.97
C LYS A 102 -8.22 8.96 -21.30
N THR A 103 -8.42 7.74 -21.73
CA THR A 103 -7.76 7.26 -22.92
C THR A 103 -8.13 8.09 -24.14
N VAL A 104 -9.33 8.65 -24.13
CA VAL A 104 -9.76 9.50 -25.24
C VAL A 104 -8.83 10.69 -25.39
N VAL A 105 -8.38 11.22 -24.27
CA VAL A 105 -7.46 12.34 -24.34
C VAL A 105 -6.09 11.92 -24.86
N ALA A 106 -5.56 10.81 -24.37
CA ALA A 106 -4.25 10.38 -24.85
C ALA A 106 -4.27 10.18 -26.35
N GLU A 107 -5.30 9.46 -26.80
CA GLU A 107 -5.45 9.20 -28.22
C GLU A 107 -5.40 10.50 -29.00
N TYR A 108 -6.09 11.53 -28.52
CA TYR A 108 -6.13 12.77 -29.29
C TYR A 108 -4.73 13.34 -29.48
N ALA A 109 -3.91 13.26 -28.44
CA ALA A 109 -2.57 13.81 -28.52
C ALA A 109 -1.73 13.00 -29.49
N ILE A 110 -1.99 11.71 -29.55
CA ILE A 110 -1.23 10.87 -30.45
C ILE A 110 -1.58 11.22 -31.89
N ALA A 111 -2.86 11.26 -32.18
CA ALA A 111 -3.32 11.62 -33.53
C ALA A 111 -2.80 12.99 -33.93
N GLN A 112 -2.89 13.96 -33.05
CA GLN A 112 -2.42 15.29 -33.42
C GLN A 112 -0.93 15.29 -33.72
N SER A 113 -0.16 14.63 -32.88
CA SER A 113 1.27 14.52 -33.17
C SER A 113 1.51 13.84 -34.52
N LEU A 114 0.87 12.70 -34.76
CA LEU A 114 1.13 11.99 -36.00
C LEU A 114 0.71 12.85 -37.18
N LYS A 115 -0.38 13.58 -36.99
CA LYS A 115 -0.85 14.48 -38.03
C LYS A 115 0.21 15.52 -38.34
N ASN A 116 0.73 16.18 -37.32
CA ASN A 116 1.79 17.16 -37.53
C ASN A 116 3.17 16.57 -37.80
N LYS A 117 3.24 15.30 -38.17
CA LYS A 117 4.52 14.66 -38.45
C LYS A 117 5.52 14.79 -37.31
N GLN A 118 5.01 14.83 -36.09
CA GLN A 118 5.85 14.94 -34.92
C GLN A 118 5.94 13.56 -34.32
N ARG A 119 6.72 13.38 -33.26
CA ARG A 119 6.74 12.10 -32.56
C ARG A 119 6.13 12.27 -31.19
N VAL A 120 5.57 11.18 -30.67
CA VAL A 120 4.92 11.26 -29.38
C VAL A 120 5.30 10.03 -28.57
N ILE A 121 5.38 10.18 -27.26
CA ILE A 121 5.77 9.07 -26.41
C ILE A 121 4.73 8.81 -25.34
N TYR A 122 4.30 7.56 -25.27
CA TYR A 122 3.35 7.10 -24.27
C TYR A 122 4.11 6.31 -23.21
N THR A 123 4.24 6.88 -22.02
CA THR A 123 4.98 6.25 -20.94
C THR A 123 4.06 5.51 -19.99
N SER A 124 4.32 4.23 -19.80
CA SER A 124 3.56 3.40 -18.86
C SER A 124 4.37 3.10 -17.63
N PRO A 125 3.70 2.81 -16.52
CA PRO A 125 4.44 2.52 -15.28
C PRO A 125 5.25 1.23 -15.38
N ILE A 126 4.63 0.15 -15.85
CA ILE A 126 5.36 -1.11 -15.90
C ILE A 126 5.21 -1.82 -17.23
N LYS A 127 6.11 -2.75 -17.50
CA LYS A 127 6.22 -3.36 -18.81
C LYS A 127 4.95 -4.07 -19.23
N ALA A 128 4.34 -4.81 -18.32
CA ALA A 128 3.11 -5.50 -18.65
C ALA A 128 2.06 -4.54 -19.23
N LEU A 129 1.95 -3.33 -18.69
CA LEU A 129 0.91 -2.45 -19.20
C LEU A 129 1.31 -1.95 -20.57
N SER A 130 2.62 -1.77 -20.75
CA SER A 130 3.11 -1.27 -22.01
C SER A 130 2.77 -2.22 -23.12
N ASN A 131 3.00 -3.51 -22.88
CA ASN A 131 2.67 -4.50 -23.89
C ASN A 131 1.20 -4.39 -24.26
N GLN A 132 0.35 -4.36 -23.24
CA GLN A 132 -1.09 -4.23 -23.47
C GLN A 132 -1.35 -2.96 -24.27
N LYS A 133 -0.78 -1.86 -23.83
CA LYS A 133 -1.09 -0.59 -24.48
C LYS A 133 -0.54 -0.57 -25.89
N TYR A 134 0.64 -1.14 -26.08
CA TYR A 134 1.19 -1.25 -27.42
C TYR A 134 0.21 -1.96 -28.33
N ARG A 135 -0.32 -3.08 -27.86
CA ARG A 135 -1.24 -3.83 -28.70
C ARG A 135 -2.44 -3.00 -29.08
N GLU A 136 -2.96 -2.22 -28.13
CA GLU A 136 -4.15 -1.41 -28.39
C GLU A 136 -3.88 -0.26 -29.34
N LEU A 137 -2.79 0.46 -29.13
CA LEU A 137 -2.43 1.60 -29.98
C LEU A 137 -2.01 1.20 -31.39
N LEU A 138 -1.39 0.04 -31.51
CA LEU A 138 -0.87 -0.39 -32.81
C LEU A 138 -2.02 -0.60 -33.77
N ALA A 139 -3.03 -1.33 -33.30
CA ALA A 139 -4.20 -1.64 -34.09
C ALA A 139 -4.91 -0.36 -34.52
N GLU A 140 -4.89 0.65 -33.66
CA GLU A 140 -5.53 1.92 -33.97
C GLU A 140 -4.72 2.73 -34.96
N PHE A 141 -3.52 3.13 -34.59
CA PHE A 141 -2.75 4.11 -35.34
C PHE A 141 -1.71 3.54 -36.27
N GLY A 142 -1.46 2.24 -36.21
CA GLY A 142 -0.50 1.65 -37.11
C GLY A 142 0.95 2.07 -36.91
N ASP A 143 1.23 3.37 -36.84
CA ASP A 143 2.61 3.85 -36.79
C ASP A 143 3.12 3.86 -35.36
N VAL A 144 3.24 2.67 -34.78
CA VAL A 144 3.52 2.53 -33.35
C VAL A 144 4.62 1.51 -33.08
N GLY A 145 5.49 1.81 -32.11
CA GLY A 145 6.53 0.89 -31.70
C GLY A 145 6.63 0.78 -30.19
N LEU A 146 7.52 -0.08 -29.71
CA LEU A 146 7.59 -0.39 -28.29
C LEU A 146 9.04 -0.49 -27.81
N MET A 147 9.34 0.14 -26.68
CA MET A 147 10.66 -0.06 -26.09
C MET A 147 10.53 -0.30 -24.62
N THR A 148 10.82 -1.51 -24.17
CA THR A 148 10.81 -1.82 -22.76
C THR A 148 12.12 -2.44 -22.36
N GLY A 149 12.24 -2.78 -21.09
CA GLY A 149 13.39 -3.53 -20.61
C GLY A 149 13.56 -4.83 -21.37
N ASP A 150 12.45 -5.44 -21.78
CA ASP A 150 12.51 -6.76 -22.41
C ASP A 150 12.64 -6.75 -23.92
N ILE A 151 12.27 -5.65 -24.56
CA ILE A 151 12.17 -5.72 -26.01
C ILE A 151 12.09 -4.36 -26.67
N THR A 152 12.34 -4.36 -27.97
CA THR A 152 12.26 -3.18 -28.77
C THR A 152 11.59 -3.55 -30.08
N ILE A 153 10.55 -2.81 -30.44
CA ILE A 153 9.88 -3.05 -31.71
C ILE A 153 9.68 -1.75 -32.44
N ASN A 154 10.07 -1.74 -33.71
CA ASN A 154 9.81 -0.60 -34.57
C ASN A 154 10.25 0.72 -33.94
N PRO A 155 11.52 0.81 -33.54
CA PRO A 155 11.96 1.97 -32.75
C PRO A 155 11.90 3.28 -33.48
N ASP A 156 11.58 3.27 -34.77
CA ASP A 156 11.54 4.53 -35.49
C ASP A 156 10.13 5.06 -35.66
N ALA A 157 9.17 4.46 -34.96
CA ALA A 157 7.77 4.78 -35.19
C ALA A 157 7.44 6.16 -34.68
N GLY A 158 6.37 6.73 -35.21
CA GLY A 158 5.93 8.05 -34.79
C GLY A 158 5.44 8.01 -33.37
N CYS A 159 4.85 6.90 -32.97
CA CYS A 159 4.34 6.76 -31.61
C CYS A 159 5.06 5.65 -30.89
N LEU A 160 5.79 6.02 -29.85
CA LEU A 160 6.57 5.05 -29.07
C LEU A 160 5.93 4.74 -27.71
N VAL A 161 5.67 3.47 -27.44
CA VAL A 161 5.25 3.10 -26.11
C VAL A 161 6.47 2.72 -25.31
N MET A 162 6.73 3.35 -24.17
CA MET A 162 7.88 2.93 -23.40
C MET A 162 7.66 3.08 -21.91
N THR A 163 8.45 2.37 -21.12
CA THR A 163 8.35 2.47 -19.68
C THR A 163 9.08 3.67 -19.21
N THR A 164 8.69 4.17 -18.05
CA THR A 164 9.37 5.29 -17.45
C THR A 164 10.87 5.05 -17.38
N GLU A 165 11.28 3.84 -17.02
CA GLU A 165 12.70 3.52 -16.93
C GLU A 165 13.44 3.69 -18.27
N ILE A 166 12.85 3.23 -19.36
CA ILE A 166 13.53 3.36 -20.65
C ILE A 166 13.59 4.83 -21.02
N LEU A 167 12.56 5.58 -20.66
CA LEU A 167 12.55 7.00 -20.96
C LEU A 167 13.73 7.66 -20.26
N ARG A 168 13.87 7.32 -18.98
CA ARG A 168 14.95 7.83 -18.16
C ARG A 168 16.31 7.57 -18.77
N SER A 169 16.55 6.33 -19.17
CA SER A 169 17.82 6.01 -19.77
C SER A 169 18.03 6.84 -21.01
N MET A 170 17.06 6.81 -21.92
CA MET A 170 17.22 7.51 -23.19
C MET A 170 17.54 8.98 -23.00
N LEU A 171 16.93 9.59 -21.99
CA LEU A 171 17.26 10.98 -21.71
C LEU A 171 18.72 11.13 -21.31
N TYR A 172 19.14 10.43 -20.28
CA TYR A 172 20.53 10.51 -19.85
C TYR A 172 21.44 10.08 -20.99
N ARG A 173 21.03 9.05 -21.71
CA ARG A 173 21.77 8.63 -22.88
C ARG A 173 21.77 9.74 -23.94
N GLY A 174 20.90 10.72 -23.78
CA GLY A 174 20.82 11.85 -24.70
C GLY A 174 20.47 11.45 -26.12
N SER A 175 19.59 10.47 -26.27
CA SER A 175 19.23 9.97 -27.59
C SER A 175 18.56 11.01 -28.48
N GLU A 176 18.90 10.99 -29.76
CA GLU A 176 18.36 11.96 -30.70
C GLU A 176 16.85 11.87 -30.84
N VAL A 177 16.27 10.75 -30.43
CA VAL A 177 14.82 10.59 -30.50
C VAL A 177 14.12 11.75 -29.83
N MET A 178 14.61 12.16 -28.67
CA MET A 178 13.94 13.20 -27.92
C MET A 178 13.74 14.50 -28.69
N ARG A 179 14.65 14.80 -29.60
CA ARG A 179 14.57 16.06 -30.33
C ARG A 179 13.28 16.13 -31.11
N GLU A 180 12.92 15.02 -31.76
CA GLU A 180 11.73 15.02 -32.61
C GLU A 180 10.43 14.98 -31.83
N VAL A 181 10.52 14.81 -30.51
CA VAL A 181 9.32 14.56 -29.71
C VAL A 181 8.54 15.80 -29.32
N ALA A 182 7.27 15.84 -29.66
CA ALA A 182 6.48 17.01 -29.31
C ALA A 182 5.64 16.78 -28.06
N TRP A 183 5.18 15.56 -27.86
CA TRP A 183 4.30 15.26 -26.73
C TRP A 183 4.73 14.03 -25.97
N VAL A 184 4.71 14.13 -24.66
CA VAL A 184 4.92 12.97 -23.83
C VAL A 184 3.70 12.78 -22.97
N ILE A 185 3.11 11.61 -23.06
CA ILE A 185 1.98 11.24 -22.23
C ILE A 185 2.44 10.39 -21.04
N PHE A 186 2.09 10.79 -19.83
CA PHE A 186 2.41 9.97 -18.67
C PHE A 186 1.16 9.29 -18.19
N ASP A 187 1.07 7.98 -18.40
CA ASP A 187 -0.09 7.27 -17.90
C ASP A 187 0.13 6.94 -16.44
N GLU A 188 -0.89 7.15 -15.62
CA GLU A 188 -0.79 6.90 -14.17
C GLU A 188 0.36 7.65 -13.52
N VAL A 189 0.39 8.96 -13.71
CA VAL A 189 1.46 9.79 -13.17
C VAL A 189 1.46 9.82 -11.66
N HIS A 190 0.33 9.52 -11.04
CA HIS A 190 0.28 9.55 -9.59
C HIS A 190 1.14 8.46 -8.94
N TYR A 191 1.74 7.60 -9.76
CA TYR A 191 2.69 6.63 -9.23
C TYR A 191 4.01 7.31 -8.87
N MET A 192 4.10 8.61 -9.20
CA MET A 192 5.28 9.37 -8.85
C MET A 192 5.43 9.43 -7.33
N ARG A 193 4.35 9.15 -6.61
CA ARG A 193 4.37 9.20 -5.16
C ARG A 193 4.88 7.90 -4.55
N ASP A 194 5.35 6.98 -5.38
CA ASP A 194 5.84 5.72 -4.84
C ASP A 194 7.20 5.87 -4.18
N LYS A 195 7.30 5.29 -2.98
CA LYS A 195 8.47 5.49 -2.12
C LYS A 195 9.80 5.07 -2.78
N GLU A 196 9.77 4.05 -3.60
CA GLU A 196 11.00 3.55 -4.21
C GLU A 196 11.11 3.84 -5.71
N ARG A 197 10.00 3.82 -6.43
CA ARG A 197 10.05 4.00 -7.88
C ARG A 197 9.62 5.39 -8.32
N GLY A 198 8.98 6.12 -7.41
CA GLY A 198 8.48 7.44 -7.69
C GLY A 198 9.51 8.37 -8.30
N VAL A 199 10.76 8.23 -7.91
CA VAL A 199 11.80 9.17 -8.31
C VAL A 199 11.98 9.20 -9.83
N VAL A 200 11.76 8.07 -10.46
CA VAL A 200 12.01 7.97 -11.89
C VAL A 200 11.11 8.90 -12.70
N TRP A 201 9.82 8.87 -12.39
CA TRP A 201 8.88 9.79 -13.01
C TRP A 201 9.42 11.21 -12.91
N GLU A 202 9.67 11.61 -11.67
CA GLU A 202 10.08 12.97 -11.38
C GLU A 202 11.35 13.28 -12.15
N GLU A 203 12.29 12.35 -12.08
CA GLU A 203 13.58 12.56 -12.68
C GLU A 203 13.42 12.83 -14.18
N THR A 204 12.61 12.02 -14.85
CA THR A 204 12.47 12.14 -16.29
C THR A 204 11.71 13.39 -16.69
N ILE A 205 10.75 13.79 -15.87
CA ILE A 205 10.06 15.04 -16.16
C ILE A 205 11.03 16.21 -16.17
N ILE A 206 11.76 16.35 -15.07
CA ILE A 206 12.77 17.41 -14.98
C ILE A 206 13.72 17.37 -16.17
N LEU A 207 13.98 16.19 -16.67
CA LEU A 207 15.00 16.04 -17.70
C LEU A 207 14.50 16.41 -19.07
N LEU A 208 13.19 16.54 -19.23
CA LEU A 208 12.66 16.76 -20.58
C LEU A 208 12.92 18.18 -21.06
N PRO A 209 13.13 18.35 -22.38
CA PRO A 209 13.28 19.67 -23.00
C PRO A 209 12.03 20.52 -22.83
N ASP A 210 12.20 21.81 -22.61
CA ASP A 210 11.09 22.74 -22.38
C ASP A 210 10.11 22.80 -23.54
N LYS A 211 10.59 22.61 -24.75
CA LYS A 211 9.71 22.65 -25.90
C LYS A 211 8.63 21.58 -25.82
N VAL A 212 8.91 20.51 -25.10
CA VAL A 212 7.99 19.38 -25.08
C VAL A 212 6.73 19.75 -24.32
N ARG A 213 5.60 19.17 -24.72
CA ARG A 213 4.34 19.35 -24.02
C ARG A 213 3.89 18.05 -23.39
N TYR A 214 3.09 18.12 -22.34
CA TYR A 214 2.79 16.93 -21.59
C TYR A 214 1.31 16.69 -21.44
N VAL A 215 0.91 15.43 -21.58
CA VAL A 215 -0.39 15.02 -21.11
C VAL A 215 -0.20 14.09 -19.92
N PHE A 216 -0.58 14.54 -18.74
CA PHE A 216 -0.48 13.72 -17.54
C PHE A 216 -1.81 13.05 -17.24
N LEU A 217 -1.85 11.73 -17.21
CA LEU A 217 -3.07 11.07 -16.79
C LEU A 217 -2.93 10.66 -15.34
N SER A 218 -3.93 10.99 -14.54
CA SER A 218 -3.85 10.67 -13.14
C SER A 218 -5.16 10.27 -12.52
N ALA A 219 -5.06 9.60 -11.37
CA ALA A 219 -6.22 9.40 -10.53
C ALA A 219 -6.68 10.75 -10.03
N THR A 220 -7.84 10.78 -9.39
CA THR A 220 -8.37 12.00 -8.84
C THR A 220 -7.55 12.39 -7.65
N ILE A 221 -6.66 13.35 -7.80
CA ILE A 221 -5.83 13.73 -6.68
C ILE A 221 -6.29 15.08 -6.16
N PRO A 222 -6.09 15.32 -4.86
CA PRO A 222 -6.60 16.57 -4.29
C PRO A 222 -5.70 17.75 -4.59
N ASN A 223 -4.42 17.49 -4.86
CA ASN A 223 -3.50 18.60 -4.99
C ASN A 223 -2.97 18.77 -6.40
N ALA A 224 -3.87 18.63 -7.36
CA ALA A 224 -3.50 18.78 -8.76
C ALA A 224 -2.78 20.11 -9.02
N MET A 225 -3.28 21.17 -8.41
CA MET A 225 -2.78 22.52 -8.62
C MET A 225 -1.28 22.62 -8.46
N GLU A 226 -0.77 22.01 -7.39
CA GLU A 226 0.65 22.05 -7.10
C GLU A 226 1.43 21.46 -8.27
N PHE A 227 0.93 20.35 -8.77
CA PHE A 227 1.61 19.64 -9.85
C PHE A 227 1.71 20.54 -11.05
N ALA A 228 0.55 21.06 -11.46
CA ALA A 228 0.50 22.01 -12.56
C ALA A 228 1.50 23.13 -12.33
N GLU A 229 1.41 23.77 -11.16
CA GLU A 229 2.28 24.90 -10.89
C GLU A 229 3.75 24.51 -10.98
N TRP A 230 4.10 23.37 -10.41
CA TRP A 230 5.47 22.89 -10.49
C TRP A 230 5.88 22.72 -11.95
N ILE A 231 5.02 22.13 -12.75
CA ILE A 231 5.29 21.99 -14.17
C ILE A 231 5.48 23.37 -14.75
N CYS A 232 4.57 24.26 -14.42
CA CYS A 232 4.62 25.64 -14.89
C CYS A 232 5.96 26.31 -14.60
N LYS A 233 6.40 26.27 -13.35
CA LYS A 233 7.70 26.86 -13.01
C LYS A 233 8.86 26.21 -13.75
N ILE A 234 9.06 24.91 -13.58
CA ILE A 234 10.31 24.34 -14.07
C ILE A 234 10.38 24.25 -15.57
N HIS A 235 9.24 24.20 -16.24
CA HIS A 235 9.29 24.13 -17.70
C HIS A 235 8.76 25.37 -18.41
N SER A 236 8.47 26.43 -17.66
CA SER A 236 8.19 27.75 -18.24
C SER A 236 7.16 27.70 -19.36
N GLN A 237 5.96 27.25 -19.03
CA GLN A 237 4.90 27.04 -19.99
C GLN A 237 3.64 26.86 -19.19
N PRO A 238 2.48 27.07 -19.81
CA PRO A 238 1.30 26.85 -18.97
C PRO A 238 1.06 25.37 -18.73
N CYS A 239 0.27 25.08 -17.71
CA CYS A 239 -0.16 23.73 -17.45
C CYS A 239 -1.58 23.79 -16.93
N HIS A 240 -2.50 23.21 -17.69
CA HIS A 240 -3.90 23.13 -17.33
C HIS A 240 -4.19 22.01 -16.35
N ILE A 241 -5.36 22.06 -15.76
CA ILE A 241 -5.85 20.99 -14.94
C ILE A 241 -7.28 20.68 -15.25
N VAL A 242 -7.56 19.45 -15.61
CA VAL A 242 -8.95 19.05 -15.79
C VAL A 242 -9.26 17.96 -14.79
N TYR A 243 -10.22 18.22 -13.92
CA TYR A 243 -10.56 17.31 -12.85
C TYR A 243 -12.03 16.96 -12.94
N THR A 244 -12.37 15.73 -12.60
CA THR A 244 -13.78 15.36 -12.51
C THR A 244 -13.95 14.10 -11.70
N ASN A 245 -15.04 14.03 -10.94
CA ASN A 245 -15.33 12.83 -10.16
C ASN A 245 -16.26 11.91 -10.90
N PHE A 246 -16.38 12.14 -12.20
CA PHE A 246 -17.33 11.40 -13.01
C PHE A 246 -17.12 9.89 -12.98
N ARG A 247 -18.16 9.14 -12.68
CA ARG A 247 -18.09 7.70 -12.87
C ARG A 247 -19.21 7.28 -13.79
N PRO A 248 -18.85 6.69 -14.91
CA PRO A 248 -19.89 6.20 -15.84
C PRO A 248 -20.79 5.19 -15.18
N THR A 249 -20.21 4.19 -14.53
CA THR A 249 -21.00 3.23 -13.81
C THR A 249 -20.80 3.45 -12.31
N PRO A 250 -21.90 3.60 -11.57
CA PRO A 250 -21.76 3.97 -10.16
C PRO A 250 -21.50 2.75 -9.29
N LEU A 251 -20.85 2.97 -8.14
CA LEU A 251 -20.45 1.90 -7.24
C LEU A 251 -21.37 1.78 -6.04
N GLN A 252 -21.69 0.55 -5.67
CA GLN A 252 -22.29 0.29 -4.38
C GLN A 252 -21.27 -0.42 -3.52
N HIS A 253 -21.04 0.04 -2.29
CA HIS A 253 -20.09 -0.65 -1.43
C HIS A 253 -20.77 -1.47 -0.37
N TYR A 254 -20.36 -2.74 -0.24
CA TYR A 254 -20.93 -3.64 0.76
C TYR A 254 -19.89 -4.22 1.71
N LEU A 255 -20.28 -4.44 2.95
CA LEU A 255 -19.40 -5.08 3.89
C LEU A 255 -19.87 -6.49 4.08
N PHE A 256 -18.93 -7.43 4.15
CA PHE A 256 -19.27 -8.79 4.54
C PHE A 256 -18.51 -9.19 5.78
N PRO A 257 -19.22 -9.29 6.91
CA PRO A 257 -18.60 -9.77 8.14
C PRO A 257 -18.38 -11.28 8.09
N ALA A 258 -17.22 -11.71 8.57
CA ALA A 258 -16.83 -13.12 8.55
C ALA A 258 -17.86 -14.00 9.23
N HIS A 259 -18.15 -15.14 8.61
CA HIS A 259 -19.16 -16.08 9.08
C HIS A 259 -20.57 -15.50 9.12
N GLY A 260 -20.77 -14.35 8.48
CA GLY A 260 -22.08 -13.74 8.45
C GLY A 260 -22.97 -14.42 7.45
N ASP A 261 -24.16 -13.85 7.25
CA ASP A 261 -25.18 -14.49 6.45
C ASP A 261 -25.44 -13.77 5.13
N GLY A 262 -24.81 -12.62 4.96
CA GLY A 262 -25.04 -11.86 3.74
C GLY A 262 -24.19 -10.61 3.73
N ILE A 263 -24.50 -9.67 2.85
CA ILE A 263 -23.71 -8.47 2.76
C ILE A 263 -24.54 -7.26 3.08
N TYR A 264 -23.88 -6.24 3.59
CA TYR A 264 -24.54 -5.02 4.02
C TYR A 264 -24.13 -3.83 3.16
N LEU A 265 -25.10 -3.24 2.49
CA LEU A 265 -24.88 -2.02 1.74
C LEU A 265 -24.54 -0.86 2.66
N VAL A 266 -23.36 -0.29 2.51
CA VAL A 266 -22.96 0.82 3.38
C VAL A 266 -22.76 2.11 2.60
N VAL A 267 -22.59 1.98 1.29
CA VAL A 267 -22.55 3.13 0.41
C VAL A 267 -23.30 2.83 -0.88
N ASP A 268 -24.37 3.58 -1.13
CA ASP A 268 -25.21 3.28 -2.29
C ASP A 268 -24.77 4.06 -3.52
N GLU A 269 -25.39 3.73 -4.65
CA GLU A 269 -25.08 4.36 -5.93
C GLU A 269 -25.04 5.88 -5.88
N LYS A 270 -25.88 6.48 -5.05
CA LYS A 270 -25.86 7.93 -4.95
C LYS A 270 -24.65 8.39 -4.12
N SER A 271 -23.83 7.44 -3.69
CA SER A 271 -22.70 7.71 -2.80
C SER A 271 -23.14 8.09 -1.40
N THR A 272 -24.31 7.63 -0.98
CA THR A 272 -24.78 7.98 0.35
C THR A 272 -24.32 6.95 1.37
N PHE A 273 -23.74 7.41 2.47
CA PHE A 273 -23.28 6.50 3.49
C PHE A 273 -24.41 6.02 4.39
N ARG A 274 -24.58 4.71 4.49
CA ARG A 274 -25.63 4.14 5.32
C ARG A 274 -25.15 3.82 6.74
N GLU A 275 -25.10 4.83 7.59
CA GLU A 275 -24.60 4.70 8.95
C GLU A 275 -25.20 3.51 9.68
N GLU A 276 -26.52 3.43 9.64
CA GLU A 276 -27.25 2.41 10.35
C GLU A 276 -26.84 1.01 9.89
N ASN A 277 -26.72 0.82 8.58
CA ASN A 277 -26.37 -0.49 8.08
C ASN A 277 -24.93 -0.84 8.44
N PHE A 278 -24.07 0.16 8.35
CA PHE A 278 -22.67 0.01 8.69
C PHE A 278 -22.55 -0.51 10.11
N GLN A 279 -23.25 0.16 11.02
CA GLN A 279 -23.26 -0.23 12.42
C GLN A 279 -23.68 -1.67 12.57
N LYS A 280 -24.73 -2.04 11.86
CA LYS A 280 -25.19 -3.42 11.89
C LYS A 280 -24.04 -4.35 11.47
N ALA A 281 -23.35 -4.00 10.40
CA ALA A 281 -22.31 -4.86 9.87
C ALA A 281 -21.19 -5.06 10.88
N MET A 282 -20.70 -3.96 11.43
CA MET A 282 -19.57 -4.01 12.34
C MET A 282 -19.89 -4.77 13.61
N ALA A 283 -21.15 -4.72 14.02
CA ALA A 283 -21.56 -5.38 15.24
C ALA A 283 -21.66 -6.87 15.02
N SER A 284 -21.88 -7.25 13.76
CA SER A 284 -22.12 -8.64 13.43
C SER A 284 -20.84 -9.43 13.51
N ILE A 285 -19.72 -8.74 13.36
CA ILE A 285 -18.44 -9.44 13.38
C ILE A 285 -17.85 -9.38 14.76
N SER A 286 -18.14 -8.31 15.49
CA SER A 286 -17.65 -8.18 16.85
C SER A 286 -18.34 -9.18 17.77
N ASN A 287 -19.57 -9.56 17.43
CA ASN A 287 -20.29 -10.57 18.21
C ASN A 287 -19.80 -11.98 17.88
N GLN A 288 -19.10 -12.12 16.76
CA GLN A 288 -18.64 -13.43 16.32
C GLN A 288 -17.14 -13.58 16.53
N LYS A 316 -12.37 -18.55 5.26
CA LYS A 316 -11.84 -19.07 4.01
C LYS A 316 -12.87 -19.89 3.26
N GLY A 317 -13.99 -20.17 3.90
CA GLY A 317 -15.07 -20.93 3.28
C GLY A 317 -16.20 -20.00 2.88
N ASP A 318 -16.19 -18.81 3.49
CA ASP A 318 -17.16 -17.79 3.14
C ASP A 318 -17.09 -17.44 1.67
N ILE A 319 -15.87 -17.41 1.14
CA ILE A 319 -15.66 -17.02 -0.24
C ILE A 319 -16.50 -17.88 -1.16
N TYR A 320 -16.54 -19.18 -0.88
CA TYR A 320 -17.31 -20.11 -1.69
C TYR A 320 -18.76 -19.69 -1.69
N LYS A 321 -19.29 -19.38 -0.51
CA LYS A 321 -20.67 -18.93 -0.43
C LYS A 321 -20.87 -17.63 -1.20
N ILE A 322 -19.91 -16.72 -1.07
CA ILE A 322 -20.05 -15.42 -1.72
C ILE A 322 -20.08 -15.59 -3.24
N VAL A 323 -19.14 -16.35 -3.80
CA VAL A 323 -19.13 -16.55 -5.23
C VAL A 323 -20.43 -17.20 -5.66
N LYS A 324 -20.88 -18.19 -4.90
CA LYS A 324 -22.12 -18.87 -5.25
C LYS A 324 -23.27 -17.88 -5.26
N MET A 325 -23.27 -16.98 -4.29
CA MET A 325 -24.33 -15.99 -4.23
C MET A 325 -24.28 -15.11 -5.47
N ILE A 326 -23.07 -14.65 -5.78
CA ILE A 326 -22.87 -13.80 -6.94
C ILE A 326 -23.37 -14.50 -8.19
N TRP A 327 -23.05 -15.78 -8.32
CA TRP A 327 -23.50 -16.52 -9.47
C TRP A 327 -25.02 -16.56 -9.49
N LYS A 328 -25.62 -16.90 -8.36
CA LYS A 328 -27.06 -17.07 -8.31
C LYS A 328 -27.80 -15.78 -8.65
N LYS A 329 -27.26 -14.65 -8.21
CA LYS A 329 -27.91 -13.37 -8.46
C LYS A 329 -27.42 -12.70 -9.74
N LYS A 330 -26.76 -13.45 -10.60
CA LYS A 330 -26.22 -12.93 -11.85
C LYS A 330 -25.40 -11.65 -11.69
N TYR A 331 -24.37 -11.69 -10.84
CA TYR A 331 -23.51 -10.53 -10.66
C TYR A 331 -22.13 -10.71 -11.28
N ASN A 332 -21.92 -11.84 -11.92
CA ASN A 332 -20.64 -12.13 -12.55
C ASN A 332 -20.52 -11.34 -13.83
N PRO A 333 -19.29 -11.11 -14.32
CA PRO A 333 -18.00 -11.56 -13.80
C PRO A 333 -17.53 -10.79 -12.58
N VAL A 334 -16.79 -11.49 -11.74
CA VAL A 334 -16.27 -10.89 -10.53
C VAL A 334 -14.77 -11.08 -10.45
N ILE A 335 -14.07 -10.04 -10.04
CA ILE A 335 -12.67 -10.17 -9.71
C ILE A 335 -12.56 -10.34 -8.22
N VAL A 336 -11.94 -11.43 -7.77
CA VAL A 336 -11.73 -11.65 -6.35
C VAL A 336 -10.28 -11.35 -6.01
N PHE A 337 -10.04 -10.25 -5.30
CA PHE A 337 -8.68 -9.82 -5.02
C PHE A 337 -8.13 -10.41 -3.75
N SER A 338 -6.86 -10.74 -3.78
CA SER A 338 -6.15 -11.08 -2.57
C SER A 338 -4.79 -10.43 -2.66
N PHE A 339 -3.97 -10.60 -1.64
CA PHE A 339 -2.68 -9.94 -1.67
C PHE A 339 -1.54 -10.91 -1.48
N SER A 340 -1.72 -12.12 -2.00
CA SER A 340 -0.64 -13.09 -2.03
C SER A 340 -0.96 -14.18 -3.07
N LYS A 341 0.04 -14.57 -3.84
CA LYS A 341 -0.14 -15.58 -4.88
C LYS A 341 -0.80 -16.80 -4.29
N ARG A 342 -0.30 -17.20 -3.14
CA ARG A 342 -0.82 -18.35 -2.42
C ARG A 342 -2.31 -18.23 -2.16
N ASP A 343 -2.75 -17.13 -1.55
CA ASP A 343 -4.18 -16.98 -1.28
C ASP A 343 -5.00 -17.17 -2.56
N CYS A 344 -4.47 -16.69 -3.67
CA CYS A 344 -5.18 -16.76 -4.94
C CYS A 344 -5.48 -18.16 -5.42
N GLU A 345 -4.52 -19.06 -5.34
CA GLU A 345 -4.75 -20.39 -5.88
C GLU A 345 -5.60 -21.19 -4.93
N GLU A 346 -5.40 -20.99 -3.63
CA GLU A 346 -6.20 -21.69 -2.64
C GLU A 346 -7.65 -21.43 -2.90
N LEU A 347 -7.99 -20.13 -2.98
CA LEU A 347 -9.35 -19.73 -3.22
C LEU A 347 -9.90 -20.38 -4.49
N ALA A 348 -9.08 -20.45 -5.53
CA ALA A 348 -9.56 -21.00 -6.78
C ALA A 348 -9.85 -22.47 -6.63
N LEU A 349 -9.13 -23.10 -5.70
CA LEU A 349 -9.30 -24.52 -5.51
C LEU A 349 -10.71 -24.82 -5.02
N LYS A 350 -11.18 -24.03 -4.07
CA LYS A 350 -12.54 -24.21 -3.56
C LYS A 350 -13.61 -24.08 -4.65
N MET A 351 -13.37 -23.24 -5.63
CA MET A 351 -14.39 -22.97 -6.64
C MET A 351 -14.61 -24.13 -7.60
N SER A 352 -13.58 -24.93 -7.82
CA SER A 352 -13.56 -25.76 -9.01
C SER A 352 -14.66 -26.81 -9.05
N LYS A 353 -15.24 -27.12 -7.89
CA LYS A 353 -16.41 -28.00 -7.86
C LYS A 353 -17.52 -27.42 -8.72
N LEU A 354 -17.64 -26.09 -8.72
CA LEU A 354 -18.62 -25.40 -9.52
C LEU A 354 -18.19 -25.31 -10.96
N ASP A 355 -19.13 -25.01 -11.85
CA ASP A 355 -18.85 -24.87 -13.26
C ASP A 355 -19.67 -23.76 -13.86
N PHE A 356 -19.02 -22.79 -14.49
CA PHE A 356 -19.75 -21.62 -14.94
C PHE A 356 -19.84 -21.48 -16.46
N ASN A 357 -19.47 -22.51 -17.21
CA ASN A 357 -19.47 -22.38 -18.67
C ASN A 357 -20.25 -23.42 -19.44
N SER A 358 -20.88 -22.98 -20.52
CA SER A 358 -21.56 -23.88 -21.44
C SER A 358 -20.55 -24.61 -22.30
N ASP A 359 -20.94 -25.79 -22.77
CA ASP A 359 -20.07 -26.61 -23.60
C ASP A 359 -19.54 -25.85 -24.80
N ASP A 360 -20.33 -24.90 -25.30
CA ASP A 360 -19.88 -24.11 -26.42
C ASP A 360 -18.75 -23.22 -25.97
N GLU A 361 -18.94 -22.62 -24.80
CA GLU A 361 -17.93 -21.74 -24.24
C GLU A 361 -16.64 -22.50 -23.99
N LYS A 362 -16.77 -23.65 -23.34
CA LYS A 362 -15.63 -24.53 -23.12
C LYS A 362 -14.86 -24.74 -24.39
N GLU A 363 -15.57 -25.02 -25.47
CA GLU A 363 -14.91 -25.29 -26.74
C GLU A 363 -14.18 -24.07 -27.22
N ALA A 364 -14.83 -22.92 -27.12
CA ALA A 364 -14.29 -21.70 -27.67
C ALA A 364 -12.98 -21.34 -26.99
N LEU A 365 -12.98 -21.39 -25.66
CA LEU A 365 -11.80 -20.92 -24.95
C LEU A 365 -10.71 -21.97 -25.09
N THR A 366 -11.08 -23.23 -25.21
CA THR A 366 -10.07 -24.25 -25.39
C THR A 366 -9.31 -23.98 -26.69
N LYS A 367 -10.04 -23.55 -27.72
CA LYS A 367 -9.38 -23.20 -28.97
C LYS A 367 -8.43 -22.03 -28.77
N ILE A 368 -8.89 -21.02 -28.05
CA ILE A 368 -8.06 -19.86 -27.85
C ILE A 368 -6.81 -20.26 -27.10
N PHE A 369 -7.03 -21.04 -26.06
CA PHE A 369 -5.96 -21.53 -25.20
C PHE A 369 -4.90 -22.28 -26.00
N ASN A 370 -5.33 -23.27 -26.77
CA ASN A 370 -4.41 -24.10 -27.53
C ASN A 370 -3.62 -23.27 -28.53
N ASN A 371 -4.32 -22.34 -29.18
CA ASN A 371 -3.68 -21.43 -30.11
C ASN A 371 -2.55 -20.63 -29.47
N ALA A 372 -2.67 -20.35 -28.18
CA ALA A 372 -1.65 -19.58 -27.51
C ALA A 372 -0.50 -20.50 -27.15
N ILE A 373 -0.86 -21.71 -26.78
CA ILE A 373 0.09 -22.68 -26.31
C ILE A 373 0.89 -23.22 -27.49
N ALA A 374 0.35 -23.03 -28.70
CA ALA A 374 0.91 -23.64 -29.91
C ALA A 374 2.35 -23.27 -30.21
N LEU A 375 2.78 -22.06 -29.82
CA LEU A 375 4.15 -21.63 -30.16
C LEU A 375 5.12 -22.47 -29.33
N LEU A 376 4.67 -22.86 -28.15
CA LEU A 376 5.51 -23.64 -27.25
C LEU A 376 5.74 -25.07 -27.70
N PRO A 377 6.93 -25.61 -27.42
CA PRO A 377 7.22 -27.03 -27.72
C PRO A 377 6.47 -27.90 -26.71
N GLU A 378 6.20 -29.12 -27.17
CA GLU A 378 5.53 -30.16 -26.42
C GLU A 378 6.16 -30.34 -25.06
N THR A 379 7.49 -30.20 -25.00
CA THR A 379 8.15 -30.41 -23.72
C THR A 379 7.74 -29.34 -22.72
N ASP A 380 7.44 -28.15 -23.22
CA ASP A 380 6.96 -27.11 -22.33
C ASP A 380 5.47 -27.27 -22.15
N ARG A 381 4.80 -27.70 -23.22
CA ARG A 381 3.36 -27.89 -23.18
C ARG A 381 2.95 -28.86 -22.09
N GLU A 382 3.89 -29.67 -21.64
CA GLU A 382 3.58 -30.76 -20.75
C GLU A 382 3.79 -30.39 -19.29
N LEU A 383 4.29 -29.18 -19.04
CA LEU A 383 4.44 -28.73 -17.66
C LEU A 383 3.08 -28.79 -17.00
N PRO A 384 3.02 -29.38 -15.82
CA PRO A 384 1.70 -29.41 -15.18
C PRO A 384 1.16 -28.00 -14.93
N GLN A 385 2.02 -26.99 -14.89
CA GLN A 385 1.49 -25.63 -14.76
C GLN A 385 0.62 -25.26 -15.95
N ILE A 386 0.92 -25.83 -17.10
CA ILE A 386 0.12 -25.59 -18.28
C ILE A 386 -1.03 -26.57 -18.34
N LYS A 387 -0.75 -27.86 -18.16
CA LYS A 387 -1.79 -28.85 -18.38
C LYS A 387 -2.92 -28.74 -17.39
N HIS A 388 -2.63 -28.40 -16.14
CA HIS A 388 -3.70 -28.44 -15.16
C HIS A 388 -4.34 -27.10 -14.88
N ILE A 389 -4.08 -26.09 -15.71
CA ILE A 389 -4.80 -24.84 -15.54
C ILE A 389 -6.02 -24.86 -16.45
N LEU A 390 -5.87 -25.58 -17.56
CA LEU A 390 -6.94 -25.69 -18.55
C LEU A 390 -8.23 -26.23 -17.95
N PRO A 391 -8.13 -27.23 -17.05
CA PRO A 391 -9.40 -27.64 -16.47
C PRO A 391 -10.09 -26.56 -15.64
N LEU A 392 -9.33 -25.64 -15.04
CA LEU A 392 -9.95 -24.51 -14.34
C LEU A 392 -10.60 -23.55 -15.30
N LEU A 393 -9.82 -23.14 -16.28
CA LEU A 393 -10.32 -22.22 -17.29
C LEU A 393 -11.62 -22.72 -17.90
N ARG A 394 -11.67 -24.00 -18.24
CA ARG A 394 -12.85 -24.53 -18.89
C ARG A 394 -14.08 -24.34 -18.03
N ARG A 395 -13.93 -24.42 -16.71
CA ARG A 395 -15.06 -24.18 -15.83
C ARG A 395 -15.38 -22.69 -15.64
N GLY A 396 -14.61 -21.80 -16.26
CA GLY A 396 -14.83 -20.37 -16.11
C GLY A 396 -14.18 -19.76 -14.88
N ILE A 397 -13.11 -20.40 -14.42
CA ILE A 397 -12.37 -19.93 -13.25
C ILE A 397 -10.95 -19.53 -13.61
N GLY A 398 -10.56 -18.29 -13.32
CA GLY A 398 -9.21 -17.87 -13.63
C GLY A 398 -8.34 -17.55 -12.44
N ILE A 399 -7.03 -17.53 -12.67
CA ILE A 399 -6.06 -17.10 -11.68
C ILE A 399 -5.16 -16.09 -12.34
N HIS A 400 -4.63 -15.14 -11.57
CA HIS A 400 -3.73 -14.15 -12.15
C HIS A 400 -2.83 -13.55 -11.09
N HIS A 401 -1.52 -13.75 -11.22
CA HIS A 401 -0.54 -13.20 -10.31
C HIS A 401 0.83 -13.33 -10.96
N SER A 402 1.84 -12.69 -10.41
CA SER A 402 3.11 -12.58 -11.13
C SER A 402 3.86 -13.90 -11.14
N GLY A 403 3.29 -14.90 -10.49
CA GLY A 403 3.94 -16.18 -10.34
C GLY A 403 3.64 -17.14 -11.47
N LEU A 404 2.57 -16.90 -12.23
CA LEU A 404 2.21 -17.82 -13.31
C LEU A 404 3.19 -17.70 -14.44
N LEU A 405 3.25 -18.68 -15.32
CA LEU A 405 4.01 -18.49 -16.55
C LEU A 405 3.42 -17.30 -17.27
N PRO A 406 4.27 -16.45 -17.84
CA PRO A 406 3.81 -15.27 -18.60
C PRO A 406 2.77 -15.62 -19.63
N ILE A 407 2.96 -16.77 -20.29
CA ILE A 407 2.06 -17.11 -21.37
C ILE A 407 0.70 -17.37 -20.78
N LEU A 408 0.65 -17.85 -19.55
CA LEU A 408 -0.65 -18.12 -18.93
C LEU A 408 -1.30 -16.85 -18.46
N LYS A 409 -0.47 -15.96 -17.93
CA LYS A 409 -0.92 -14.68 -17.45
C LYS A 409 -1.63 -13.97 -18.61
N GLU A 410 -1.00 -13.98 -19.77
CA GLU A 410 -1.56 -13.26 -20.91
C GLU A 410 -2.86 -13.87 -21.43
N VAL A 411 -2.88 -15.18 -21.62
CA VAL A 411 -4.01 -15.77 -22.27
C VAL A 411 -5.20 -15.67 -21.34
N ILE A 412 -4.93 -15.62 -20.05
CA ILE A 412 -5.99 -15.52 -19.05
C ILE A 412 -6.63 -14.15 -19.12
N GLU A 413 -5.80 -13.11 -19.22
CA GLU A 413 -6.28 -11.76 -19.45
C GLU A 413 -7.20 -11.79 -20.65
N ILE A 414 -6.71 -12.40 -21.73
CA ILE A 414 -7.47 -12.45 -22.97
C ILE A 414 -8.78 -13.18 -22.77
N LEU A 415 -8.72 -14.33 -22.13
CA LEU A 415 -9.93 -15.12 -21.96
C LEU A 415 -10.89 -14.37 -21.05
N PHE A 416 -10.34 -13.48 -20.24
CA PHE A 416 -11.20 -12.73 -19.33
C PHE A 416 -11.96 -11.66 -20.09
N GLN A 417 -11.28 -11.00 -21.01
CA GLN A 417 -11.88 -9.94 -21.80
C GLN A 417 -12.95 -10.48 -22.72
N GLU A 418 -12.76 -11.71 -23.19
CA GLU A 418 -13.70 -12.29 -24.12
C GLU A 418 -14.85 -12.89 -23.34
N GLY A 419 -14.82 -12.71 -22.03
CA GLY A 419 -15.92 -13.12 -21.21
C GLY A 419 -16.01 -14.60 -20.92
N PHE A 420 -14.89 -15.31 -20.98
CA PHE A 420 -14.95 -16.74 -20.73
C PHE A 420 -14.64 -17.10 -19.31
N LEU A 421 -14.28 -16.12 -18.50
CA LEU A 421 -13.96 -16.42 -17.12
C LEU A 421 -14.88 -15.64 -16.23
N LYS A 422 -15.71 -16.35 -15.49
CA LYS A 422 -16.74 -15.69 -14.73
C LYS A 422 -16.24 -15.30 -13.36
N VAL A 423 -15.22 -16.02 -12.88
CA VAL A 423 -14.64 -15.70 -11.58
C VAL A 423 -13.13 -15.65 -11.74
N LEU A 424 -12.54 -14.54 -11.32
CA LEU A 424 -11.10 -14.39 -11.46
C LEU A 424 -10.42 -14.10 -10.14
N PHE A 425 -9.57 -15.02 -9.69
CA PHE A 425 -8.83 -14.80 -8.45
C PHE A 425 -7.51 -14.15 -8.77
N ALA A 426 -7.30 -12.94 -8.25
CA ALA A 426 -6.12 -12.20 -8.64
C ALA A 426 -5.48 -11.40 -7.55
N THR A 427 -4.19 -11.16 -7.69
CA THR A 427 -3.52 -10.24 -6.80
C THR A 427 -3.73 -8.83 -7.29
N GLU A 428 -3.22 -7.86 -6.54
CA GLU A 428 -3.52 -6.44 -6.74
C GLU A 428 -3.21 -5.96 -8.15
N THR A 429 -2.11 -6.44 -8.72
CA THR A 429 -1.59 -5.90 -9.96
C THR A 429 -2.58 -5.94 -11.11
N PHE A 430 -3.49 -6.90 -11.08
CA PHE A 430 -4.50 -7.03 -12.10
C PHE A 430 -5.39 -5.79 -12.18
N SER A 431 -5.48 -5.05 -11.07
CA SER A 431 -6.37 -3.90 -11.03
C SER A 431 -5.95 -2.80 -11.99
N ILE A 432 -4.67 -2.69 -12.29
CA ILE A 432 -4.26 -1.62 -13.21
C ILE A 432 -4.02 -2.12 -14.61
N GLY A 433 -4.46 -3.33 -14.89
CA GLY A 433 -4.37 -3.84 -16.25
C GLY A 433 -5.31 -3.07 -17.15
N LEU A 434 -5.10 -3.21 -18.44
CA LEU A 434 -5.79 -2.43 -19.45
C LEU A 434 -7.15 -3.02 -19.80
N ASN A 435 -8.21 -2.23 -19.65
CA ASN A 435 -9.54 -2.61 -20.11
C ASN A 435 -9.99 -3.98 -19.63
N MET A 436 -9.95 -4.21 -18.32
CA MET A 436 -10.35 -5.51 -17.79
C MET A 436 -11.20 -5.39 -16.54
N PRO A 437 -12.33 -4.69 -16.64
CA PRO A 437 -13.16 -4.49 -15.46
C PRO A 437 -14.09 -5.66 -15.26
N ALA A 438 -14.81 -5.66 -14.14
CA ALA A 438 -15.81 -6.69 -13.90
C ALA A 438 -17.11 -6.07 -13.42
N LYS A 439 -18.13 -6.91 -13.26
CA LYS A 439 -19.38 -6.43 -12.70
C LYS A 439 -19.23 -6.28 -11.21
N THR A 440 -18.49 -7.20 -10.61
CA THR A 440 -18.36 -7.25 -9.17
C THR A 440 -16.90 -7.34 -8.74
N VAL A 441 -16.58 -6.72 -7.62
CA VAL A 441 -15.25 -6.81 -7.08
C VAL A 441 -15.28 -7.19 -5.61
N VAL A 442 -14.52 -8.22 -5.26
CA VAL A 442 -14.46 -8.70 -3.89
C VAL A 442 -13.06 -8.61 -3.32
N PHE A 443 -12.90 -7.86 -2.23
CA PHE A 443 -11.65 -7.94 -1.48
C PHE A 443 -11.74 -9.05 -0.44
N THR A 444 -10.87 -10.05 -0.52
CA THR A 444 -10.86 -11.09 0.48
C THR A 444 -10.24 -10.57 1.75
N SER A 445 -9.59 -9.42 1.65
CA SER A 445 -8.99 -8.79 2.80
C SER A 445 -8.52 -7.43 2.38
N VAL A 446 -8.11 -6.62 3.33
CA VAL A 446 -7.65 -5.30 3.01
C VAL A 446 -6.35 -5.04 3.72
N ARG A 447 -5.63 -6.12 4.00
CA ARG A 447 -4.31 -6.04 4.58
C ARG A 447 -3.29 -6.57 3.60
N LYS A 448 -2.26 -5.78 3.30
CA LYS A 448 -1.21 -6.27 2.42
C LYS A 448 0.15 -6.10 3.05
N TRP A 449 1.02 -7.08 2.82
CA TRP A 449 2.41 -6.98 3.22
C TRP A 449 3.14 -6.03 2.29
N ASP A 450 3.78 -5.01 2.86
CA ASP A 450 4.77 -4.25 2.12
C ASP A 450 6.10 -4.92 2.32
N GLY A 451 6.15 -6.21 1.98
CA GLY A 451 7.30 -7.03 2.28
C GLY A 451 7.46 -7.18 3.78
N GLN A 452 7.95 -6.11 4.41
CA GLN A 452 8.11 -6.09 5.85
C GLN A 452 7.30 -4.97 6.48
N GLN A 453 5.99 -5.02 6.27
CA GLN A 453 5.08 -4.04 6.83
C GLN A 453 3.65 -4.57 6.73
N PHE A 454 2.76 -4.07 7.58
CA PHE A 454 1.38 -4.49 7.53
C PHE A 454 0.47 -3.32 7.19
N ARG A 455 0.10 -3.22 5.92
CA ARG A 455 -0.67 -2.08 5.48
C ARG A 455 -2.17 -2.32 5.59
N TRP A 456 -2.85 -1.40 6.27
CA TRP A 456 -4.26 -1.22 6.00
C TRP A 456 -4.27 -0.53 4.65
N VAL A 457 -4.76 -1.23 3.62
CA VAL A 457 -4.87 -0.67 2.29
C VAL A 457 -5.36 0.78 2.33
N SER A 458 -4.66 1.66 1.63
CA SER A 458 -5.02 3.08 1.65
C SER A 458 -6.40 3.29 1.08
N GLY A 459 -7.01 4.42 1.44
CA GLY A 459 -8.29 4.78 0.87
C GLY A 459 -8.17 4.81 -0.64
N GLY A 460 -7.16 5.52 -1.12
CA GLY A 460 -6.94 5.67 -2.55
C GLY A 460 -6.81 4.33 -3.23
N GLU A 461 -6.18 3.39 -2.54
CA GLU A 461 -5.99 2.09 -3.15
C GLU A 461 -7.31 1.38 -3.24
N TYR A 462 -8.12 1.51 -2.19
CA TYR A 462 -9.39 0.81 -2.14
C TYR A 462 -10.23 1.28 -3.31
N ILE A 463 -10.25 2.59 -3.50
CA ILE A 463 -10.97 3.18 -4.62
C ILE A 463 -10.52 2.64 -5.96
N GLN A 464 -9.23 2.75 -6.24
CA GLN A 464 -8.69 2.36 -7.53
C GLN A 464 -9.03 0.92 -7.82
N MET A 465 -8.85 0.06 -6.84
CA MET A 465 -9.20 -1.33 -7.04
C MET A 465 -10.70 -1.49 -7.18
N SER A 466 -11.47 -0.87 -6.29
CA SER A 466 -12.92 -1.03 -6.35
C SER A 466 -13.44 -0.42 -7.64
N GLY A 467 -12.66 0.45 -8.26
CA GLY A 467 -13.04 1.08 -9.50
C GLY A 467 -13.11 0.10 -10.66
N ARG A 468 -12.62 -1.11 -10.44
CA ARG A 468 -12.63 -2.12 -11.49
C ARG A 468 -13.97 -2.83 -11.53
N ALA A 469 -14.92 -2.36 -10.72
CA ALA A 469 -16.25 -2.92 -10.77
C ALA A 469 -17.12 -2.00 -11.60
N GLY A 470 -18.01 -2.58 -12.40
CA GLY A 470 -18.92 -1.81 -13.20
C GLY A 470 -18.47 -1.67 -14.64
N ARG A 471 -19.11 -2.42 -15.53
CA ARG A 471 -18.75 -2.42 -16.94
C ARG A 471 -19.64 -1.47 -17.72
N ARG A 472 -19.02 -0.46 -18.30
CA ARG A 472 -19.75 0.65 -18.92
C ARG A 472 -20.96 0.29 -19.75
N GLY A 473 -20.80 -0.66 -20.66
CA GLY A 473 -21.90 -0.96 -21.54
C GLY A 473 -23.02 -1.68 -20.82
N LEU A 474 -22.62 -2.63 -19.98
CA LEU A 474 -23.48 -3.73 -19.62
C LEU A 474 -24.03 -3.75 -18.19
N ASP A 475 -23.61 -2.82 -17.35
CA ASP A 475 -24.00 -2.90 -15.94
C ASP A 475 -24.66 -1.63 -15.46
N ASP A 476 -25.70 -1.77 -14.66
CA ASP A 476 -26.34 -0.60 -14.09
C ASP A 476 -25.44 -0.03 -13.02
N ARG A 477 -24.70 -0.91 -12.34
CA ARG A 477 -23.85 -0.47 -11.25
C ARG A 477 -22.70 -1.44 -11.05
N GLY A 478 -21.70 -1.00 -10.32
CA GLY A 478 -20.60 -1.88 -9.95
C GLY A 478 -20.78 -2.34 -8.51
N ILE A 479 -20.54 -3.62 -8.25
CA ILE A 479 -20.71 -4.14 -6.91
C ILE A 479 -19.40 -4.39 -6.20
N VAL A 480 -19.22 -3.75 -5.06
CA VAL A 480 -17.98 -3.88 -4.33
C VAL A 480 -18.21 -4.46 -2.95
N ILE A 481 -17.56 -5.59 -2.70
CA ILE A 481 -17.76 -6.30 -1.44
C ILE A 481 -16.46 -6.43 -0.68
N MET A 482 -16.41 -5.81 0.49
CA MET A 482 -15.23 -5.90 1.34
C MET A 482 -15.42 -6.90 2.48
N MET A 483 -14.68 -8.01 2.43
CA MET A 483 -14.76 -8.99 3.50
C MET A 483 -14.02 -8.46 4.71
N ILE A 484 -14.63 -8.60 5.89
CA ILE A 484 -13.99 -8.10 7.08
C ILE A 484 -13.99 -9.12 8.20
N ASP A 485 -13.02 -9.00 9.09
CA ASP A 485 -12.96 -9.88 10.25
C ASP A 485 -12.73 -9.08 11.52
N GLU A 486 -12.50 -9.82 12.60
CA GLU A 486 -12.38 -9.25 13.94
C GLU A 486 -11.24 -8.24 14.03
N LYS A 487 -10.26 -8.36 13.15
CA LYS A 487 -9.13 -7.45 13.17
C LYS A 487 -9.55 -6.06 12.73
N MET A 488 -10.68 -5.97 12.04
CA MET A 488 -11.07 -4.72 11.43
C MET A 488 -11.62 -3.68 12.40
N GLU A 489 -11.04 -2.50 12.37
CA GLU A 489 -11.57 -1.36 13.11
C GLU A 489 -12.55 -0.60 12.24
N PRO A 490 -13.61 -0.06 12.86
CA PRO A 490 -14.68 0.57 12.07
C PRO A 490 -14.20 1.80 11.33
N GLN A 491 -13.44 2.65 12.00
CA GLN A 491 -12.97 3.89 11.39
C GLN A 491 -12.21 3.59 10.10
N VAL A 492 -11.44 2.51 10.10
CA VAL A 492 -10.64 2.18 8.93
C VAL A 492 -11.56 1.74 7.79
N ALA A 493 -12.48 0.84 8.10
CA ALA A 493 -13.45 0.37 7.12
C ALA A 493 -14.25 1.53 6.57
N LYS A 494 -14.72 2.40 7.46
CA LYS A 494 -15.51 3.54 7.04
C LYS A 494 -14.66 4.39 6.11
N GLY A 495 -13.39 4.53 6.47
CA GLY A 495 -12.47 5.33 5.68
C GLY A 495 -12.30 4.85 4.26
N MET A 496 -12.29 3.54 4.07
CA MET A 496 -12.05 2.99 2.74
C MET A 496 -13.21 3.25 1.81
N VAL A 497 -14.40 2.84 2.21
CA VAL A 497 -15.55 2.90 1.32
C VAL A 497 -15.94 4.34 1.04
N LYS A 498 -15.53 5.26 1.89
CA LYS A 498 -15.72 6.67 1.59
C LYS A 498 -14.41 7.20 1.07
N GLY A 499 -13.63 6.31 0.49
CA GLY A 499 -12.29 6.60 0.01
C GLY A 499 -12.10 8.01 -0.49
N GLN A 500 -11.18 8.71 0.16
CA GLN A 500 -10.68 9.96 -0.36
C GLN A 500 -9.31 9.68 -0.92
N ALA A 501 -9.02 10.20 -2.10
CA ALA A 501 -7.75 9.87 -2.73
C ALA A 501 -6.60 10.60 -2.07
N ASP A 502 -5.41 10.04 -2.18
CA ASP A 502 -4.25 10.58 -1.49
C ASP A 502 -3.57 11.65 -2.30
N ARG A 503 -2.85 12.53 -1.61
CA ARG A 503 -2.04 13.54 -2.27
C ARG A 503 -1.04 12.88 -3.20
N LEU A 504 -0.53 13.68 -4.12
CA LEU A 504 0.59 13.24 -4.93
C LEU A 504 1.82 13.90 -4.34
N ASP A 505 2.38 13.26 -3.32
CA ASP A 505 3.57 13.81 -2.68
C ASP A 505 4.83 13.18 -3.24
N SER A 506 5.79 14.04 -3.59
CA SER A 506 7.02 13.57 -4.19
C SER A 506 7.71 12.58 -3.28
N ALA A 507 8.33 11.58 -3.87
CA ALA A 507 9.11 10.63 -3.09
C ALA A 507 10.53 10.68 -3.60
N PHE A 508 10.93 11.85 -4.04
CA PHE A 508 12.26 12.00 -4.63
C PHE A 508 13.34 11.55 -3.66
N HIS A 509 14.41 11.00 -4.18
CA HIS A 509 15.60 10.78 -3.36
C HIS A 509 16.79 10.62 -4.26
N LEU A 510 17.94 11.10 -3.82
CA LEU A 510 19.16 11.03 -4.62
C LEU A 510 19.65 9.62 -4.83
N GLY A 511 20.26 9.39 -5.99
CA GLY A 511 20.77 8.09 -6.35
C GLY A 511 22.08 8.24 -7.07
N TYR A 512 22.92 7.22 -6.99
CA TYR A 512 24.27 7.34 -7.49
C TYR A 512 24.30 7.42 -8.99
N ASN A 513 23.47 6.60 -9.63
CA ASN A 513 23.39 6.65 -11.07
C ASN A 513 22.91 8.04 -11.51
N MET A 514 21.94 8.57 -10.77
CA MET A 514 21.44 9.91 -11.00
C MET A 514 22.59 10.91 -10.96
N ILE A 515 23.10 11.13 -9.77
CA ILE A 515 24.23 12.02 -9.54
C ILE A 515 25.30 11.87 -10.60
N LEU A 516 25.79 10.65 -10.78
CA LEU A 516 26.85 10.43 -11.75
C LEU A 516 26.48 10.91 -13.14
N ASN A 517 25.26 10.62 -13.57
CA ASN A 517 24.88 11.01 -14.91
C ASN A 517 24.81 12.54 -15.03
N LEU A 518 24.26 13.19 -14.00
CA LEU A 518 24.20 14.65 -14.03
C LEU A 518 25.59 15.24 -14.16
N MET A 519 26.53 14.75 -13.36
CA MET A 519 27.91 15.22 -13.46
C MET A 519 28.46 15.01 -14.87
N ARG A 520 28.07 13.93 -15.51
CA ARG A 520 28.66 13.61 -16.80
C ARG A 520 28.25 14.60 -17.86
N VAL A 521 27.08 15.21 -17.70
CA VAL A 521 26.53 16.00 -18.78
C VAL A 521 26.68 17.50 -18.54
N GLU A 522 27.10 18.17 -19.61
CA GLU A 522 27.66 19.51 -19.53
C GLU A 522 26.76 20.53 -18.87
N GLY A 523 25.50 20.56 -19.28
CA GLY A 523 24.65 21.68 -18.91
C GLY A 523 23.77 21.46 -17.71
N ILE A 524 23.93 20.35 -17.02
CA ILE A 524 23.05 20.09 -15.89
C ILE A 524 23.84 19.58 -14.69
N SER A 525 23.20 19.58 -13.53
CA SER A 525 23.88 19.28 -12.29
C SER A 525 22.95 18.67 -11.24
N PRO A 526 23.51 17.89 -10.30
CA PRO A 526 22.71 17.40 -9.18
C PRO A 526 22.00 18.53 -8.48
N GLU A 527 22.69 19.65 -8.29
CA GLU A 527 22.08 20.78 -7.60
C GLU A 527 20.87 21.27 -8.37
N PHE A 528 20.99 21.28 -9.70
CA PHE A 528 19.84 21.60 -10.57
C PHE A 528 18.63 20.73 -10.28
N MET A 529 18.84 19.42 -10.37
CA MET A 529 17.79 18.43 -10.20
C MET A 529 17.04 18.64 -8.89
N LEU A 530 17.78 18.82 -7.82
CA LEU A 530 17.17 19.15 -6.53
C LEU A 530 16.33 20.40 -6.64
N GLU A 531 16.89 21.43 -7.25
CA GLU A 531 16.20 22.71 -7.33
C GLU A 531 14.88 22.59 -8.07
N HIS A 532 14.84 21.77 -9.11
CA HIS A 532 13.66 21.69 -9.96
C HIS A 532 12.73 20.57 -9.53
N SER A 533 13.14 19.89 -8.46
CA SER A 533 12.40 18.74 -7.97
C SER A 533 11.01 19.12 -7.49
N PHE A 534 10.05 18.25 -7.74
CA PHE A 534 8.71 18.43 -7.19
C PHE A 534 8.85 18.46 -5.67
N PHE A 535 9.74 17.62 -5.15
CA PHE A 535 9.99 17.55 -3.71
C PHE A 535 10.33 18.91 -3.13
N GLN A 536 11.37 19.53 -3.66
CA GLN A 536 11.78 20.84 -3.19
C GLN A 536 10.65 21.84 -3.41
N PHE A 537 9.96 21.72 -4.55
CA PHE A 537 8.85 22.62 -4.86
C PHE A 537 7.77 22.50 -3.79
N GLN A 538 7.49 21.27 -3.37
CA GLN A 538 6.47 21.10 -2.36
C GLN A 538 6.92 21.72 -1.04
N ASN A 539 8.24 21.83 -0.86
CA ASN A 539 8.76 22.48 0.32
C ASN A 539 8.52 23.98 0.28
N VAL A 540 9.03 24.63 -0.75
CA VAL A 540 8.98 26.09 -0.85
C VAL A 540 7.54 26.59 -0.81
N ILE A 541 6.60 25.71 -1.06
CA ILE A 541 5.21 26.07 -0.88
C ILE A 541 4.79 25.89 0.56
N SER A 542 5.17 24.78 1.17
CA SER A 542 4.62 24.44 2.48
C SER A 542 5.22 25.29 3.59
N VAL A 543 6.53 25.50 3.52
CA VAL A 543 7.25 26.17 4.60
C VAL A 543 6.59 27.49 5.03
N PRO A 544 6.32 28.41 4.07
CA PRO A 544 5.71 29.67 4.51
C PRO A 544 4.36 29.50 5.18
N VAL A 545 3.59 28.49 4.79
CA VAL A 545 2.32 28.24 5.44
C VAL A 545 2.59 27.92 6.90
N MET A 546 3.68 27.21 7.14
CA MET A 546 3.96 26.75 8.49
C MET A 546 4.53 27.88 9.33
N GLU A 547 5.41 28.68 8.74
CA GLU A 547 5.95 29.82 9.47
C GLU A 547 4.83 30.77 9.83
N LYS A 548 3.76 30.76 9.03
CA LYS A 548 2.62 31.59 9.34
C LYS A 548 1.87 30.99 10.52
N LYS A 549 1.88 29.67 10.63
CA LYS A 549 1.18 29.04 11.74
C LYS A 549 1.96 29.32 13.01
N LEU A 550 3.27 29.09 12.93
CA LEU A 550 4.17 29.30 14.04
C LEU A 550 4.00 30.69 14.63
N ALA A 551 4.00 31.69 13.77
CA ALA A 551 3.90 33.06 14.22
C ALA A 551 2.56 33.30 14.90
N GLU A 552 1.50 32.71 14.36
CA GLU A 552 0.19 32.85 14.99
C GLU A 552 0.24 32.22 16.36
N LEU A 553 0.94 31.09 16.47
CA LEU A 553 1.08 30.44 17.75
C LEU A 553 1.93 31.29 18.67
N LYS A 554 3.06 31.73 18.15
CA LYS A 554 4.00 32.55 18.89
C LYS A 554 3.33 33.81 19.44
N LYS A 555 2.53 34.45 18.61
CA LYS A 555 1.84 35.65 19.03
C LYS A 555 0.89 35.32 20.16
N ASP A 556 0.19 34.21 20.05
CA ASP A 556 -0.75 33.82 21.08
C ASP A 556 0.01 33.47 22.34
N PHE A 557 1.15 32.79 22.18
CA PHE A 557 1.97 32.40 23.32
C PHE A 557 2.45 33.62 24.07
N ASP A 558 3.26 34.44 23.39
CA ASP A 558 3.81 35.65 23.99
C ASP A 558 2.73 36.54 24.60
N GLY A 559 1.51 36.39 24.11
CA GLY A 559 0.38 37.11 24.65
C GLY A 559 -0.27 36.37 25.79
N ILE A 560 -0.25 35.04 25.72
CA ILE A 560 -0.84 34.23 26.78
C ILE A 560 0.16 34.03 27.90
N GLU A 561 1.39 34.51 27.68
CA GLU A 561 2.45 34.37 28.68
C GLU A 561 2.22 35.32 29.84
N VAL A 562 1.07 35.17 30.48
CA VAL A 562 0.71 35.99 31.62
C VAL A 562 0.38 35.08 32.79
N GLU A 563 1.40 34.42 33.31
CA GLU A 563 1.26 33.58 34.49
C GLU A 563 1.50 34.41 35.73
N ASP A 564 0.54 34.41 36.64
CA ASP A 564 0.64 35.23 37.83
C ASP A 564 1.35 34.48 38.95
N GLU A 565 1.51 33.17 38.79
CA GLU A 565 2.09 32.37 39.86
C GLU A 565 3.00 31.26 39.38
N GLU A 566 3.85 30.79 40.28
CA GLU A 566 4.61 29.57 40.09
C GLU A 566 4.10 28.58 41.13
N ASN A 567 3.19 29.07 41.96
CA ASN A 567 2.44 28.22 42.87
C ASN A 567 1.55 27.30 42.06
N VAL A 568 1.18 27.77 40.87
CA VAL A 568 0.38 26.99 39.95
C VAL A 568 1.11 25.70 39.64
N LYS A 569 2.40 25.83 39.31
CA LYS A 569 3.23 24.69 38.99
C LYS A 569 3.12 23.63 40.08
N GLU A 570 3.16 24.06 41.32
CA GLU A 570 3.00 23.16 42.44
C GLU A 570 1.64 22.52 42.39
N TYR A 571 0.62 23.33 42.14
CA TYR A 571 -0.74 22.83 42.10
C TYR A 571 -0.86 21.72 41.09
N HIS A 572 -0.34 21.96 39.89
CA HIS A 572 -0.46 21.00 38.82
C HIS A 572 0.19 19.70 39.25
N GLU A 573 1.40 19.81 39.76
CA GLU A 573 2.17 18.65 40.17
C GLU A 573 1.40 17.79 41.16
N ILE A 574 0.81 18.44 42.14
CA ILE A 574 0.09 17.71 43.17
C ILE A 574 -1.12 17.01 42.58
N GLU A 575 -1.93 17.79 41.88
CA GLU A 575 -3.16 17.29 41.28
C GLU A 575 -2.92 16.02 40.48
N GLN A 576 -1.96 16.06 39.57
CA GLN A 576 -1.72 14.91 38.72
C GLN A 576 -1.20 13.73 39.51
N ALA A 577 -0.42 14.02 40.54
CA ALA A 577 0.14 12.95 41.36
C ALA A 577 -1.00 12.22 42.04
N ILE A 578 -1.94 13.00 42.56
CA ILE A 578 -3.10 12.44 43.22
C ILE A 578 -3.88 11.63 42.22
N LYS A 579 -4.15 12.23 41.08
CA LYS A 579 -4.88 11.56 40.03
C LYS A 579 -4.27 10.21 39.73
N GLY A 580 -2.95 10.18 39.67
CA GLY A 580 -2.24 8.95 39.39
C GLY A 580 -2.37 7.90 40.48
N TYR A 581 -2.32 8.32 41.73
CA TYR A 581 -2.40 7.35 42.81
C TYR A 581 -3.83 6.83 42.91
N ARG A 582 -4.82 7.71 42.71
CA ARG A 582 -6.21 7.26 42.76
C ARG A 582 -6.45 6.21 41.69
N GLU A 583 -5.76 6.33 40.57
CA GLU A 583 -5.88 5.30 39.55
C GLU A 583 -5.30 4.01 40.06
N ASP A 584 -4.21 4.11 40.80
CA ASP A 584 -3.62 2.91 41.38
C ASP A 584 -4.64 2.25 42.29
N VAL A 585 -5.29 3.08 43.11
CA VAL A 585 -6.32 2.55 44.00
C VAL A 585 -7.39 1.88 43.16
N ARG A 586 -7.76 2.55 42.08
CA ARG A 586 -8.79 2.03 41.20
C ARG A 586 -8.48 0.65 40.68
N GLN A 587 -7.25 0.47 40.19
CA GLN A 587 -6.86 -0.82 39.62
C GLN A 587 -7.08 -1.91 40.63
N VAL A 588 -6.83 -1.57 41.88
CA VAL A 588 -6.91 -2.53 42.96
C VAL A 588 -8.34 -2.90 43.26
N VAL A 589 -9.18 -1.89 43.47
CA VAL A 589 -10.52 -2.19 43.97
C VAL A 589 -11.39 -2.76 42.88
N THR A 590 -11.06 -2.50 41.63
CA THR A 590 -11.86 -3.06 40.55
C THR A 590 -11.31 -4.39 40.10
N HIS A 591 -10.23 -4.83 40.71
CA HIS A 591 -9.69 -6.13 40.34
C HIS A 591 -10.66 -7.22 40.79
N PRO A 592 -10.91 -8.22 39.95
CA PRO A 592 -11.96 -9.21 40.27
C PRO A 592 -11.83 -9.82 41.65
N ALA A 593 -10.63 -9.83 42.21
CA ALA A 593 -10.39 -10.45 43.51
C ALA A 593 -11.03 -9.61 44.59
N ASN A 594 -11.22 -8.34 44.31
CA ASN A 594 -11.79 -7.48 45.32
C ASN A 594 -13.24 -7.12 45.01
N ALA A 595 -13.54 -6.91 43.74
CA ALA A 595 -14.79 -6.24 43.37
C ALA A 595 -15.99 -7.16 43.24
N LEU A 596 -15.79 -8.40 42.84
CA LEU A 596 -16.90 -9.25 42.48
C LEU A 596 -17.78 -9.52 43.68
N SER A 597 -17.18 -9.53 44.86
CA SER A 597 -17.97 -9.76 46.07
C SER A 597 -18.82 -8.54 46.39
N PHE A 598 -18.51 -7.41 45.79
CA PHE A 598 -19.31 -6.22 46.03
C PHE A 598 -20.08 -5.76 44.81
N LEU A 599 -20.31 -6.65 43.85
CA LEU A 599 -21.11 -6.27 42.71
C LEU A 599 -22.41 -7.06 42.71
N GLN A 600 -23.14 -6.98 43.80
CA GLN A 600 -24.42 -7.65 43.91
C GLN A 600 -25.47 -6.89 43.10
N PRO A 601 -26.55 -7.57 42.69
CA PRO A 601 -27.62 -6.89 41.96
C PRO A 601 -27.99 -5.58 42.59
N GLY A 602 -28.06 -4.53 41.80
CA GLY A 602 -28.45 -3.22 42.29
C GLY A 602 -27.29 -2.34 42.71
N ARG A 603 -26.09 -2.91 42.83
CA ARG A 603 -24.95 -2.13 43.28
C ARG A 603 -24.77 -0.94 42.40
N LEU A 604 -24.59 0.23 43.01
CA LEU A 604 -24.34 1.45 42.24
C LEU A 604 -22.88 1.49 41.80
N VAL A 605 -22.66 1.62 40.50
CA VAL A 605 -21.31 1.74 40.00
C VAL A 605 -21.19 2.96 39.10
N GLU A 606 -20.03 3.62 39.14
CA GLU A 606 -19.79 4.74 38.24
C GLU A 606 -19.09 4.22 36.99
N ILE A 607 -19.65 4.50 35.82
CA ILE A 607 -19.17 3.87 34.57
C ILE A 607 -18.39 4.81 33.68
N SER A 608 -17.27 4.32 33.17
CA SER A 608 -16.51 5.09 32.19
C SER A 608 -15.81 4.12 31.26
N VAL A 609 -16.40 3.83 30.10
CA VAL A 609 -15.83 2.75 29.31
C VAL A 609 -14.66 3.30 28.50
N ASN A 610 -13.63 2.46 28.38
CA ASN A 610 -12.37 2.85 27.75
C ASN A 610 -11.87 4.18 28.30
N GLY A 611 -12.24 4.50 29.54
CA GLY A 611 -11.86 5.76 30.15
C GLY A 611 -12.27 7.01 29.40
N LYS A 612 -13.05 6.86 28.32
CA LYS A 612 -13.48 8.03 27.53
C LYS A 612 -14.95 8.38 27.71
N ASP A 613 -15.82 7.38 27.74
CA ASP A 613 -17.25 7.66 27.73
C ASP A 613 -17.87 7.55 29.11
N ASN A 614 -18.23 8.70 29.68
CA ASN A 614 -18.72 8.71 31.04
C ASN A 614 -20.25 8.60 31.15
N TYR A 615 -20.72 7.44 31.57
CA TYR A 615 -22.14 7.25 31.74
C TYR A 615 -22.65 7.59 33.13
N GLY A 616 -21.79 8.15 33.97
CA GLY A 616 -22.19 8.45 35.34
C GLY A 616 -22.63 7.22 36.10
N TRP A 617 -23.52 7.39 37.06
CA TRP A 617 -23.86 6.29 37.92
C TRP A 617 -24.91 5.38 37.33
N GLY A 618 -24.64 4.09 37.40
CA GLY A 618 -25.56 3.09 36.89
C GLY A 618 -25.74 2.07 37.98
N ALA A 619 -26.40 0.96 37.65
CA ALA A 619 -26.70 -0.04 38.63
C ALA A 619 -26.42 -1.44 38.08
N VAL A 620 -25.78 -2.31 38.87
CA VAL A 620 -25.41 -3.62 38.38
C VAL A 620 -26.66 -4.47 38.23
N VAL A 621 -26.76 -5.21 37.13
CA VAL A 621 -27.84 -6.19 36.97
C VAL A 621 -27.34 -7.55 37.34
N ASP A 622 -26.22 -7.94 36.75
CA ASP A 622 -25.52 -9.16 37.10
C ASP A 622 -24.12 -9.10 36.52
N PHE A 623 -23.33 -10.14 36.79
CA PHE A 623 -22.03 -10.26 36.20
C PHE A 623 -21.71 -11.72 35.98
N ALA A 624 -20.69 -12.01 35.19
CA ALA A 624 -20.33 -13.39 34.93
C ALA A 624 -18.95 -13.51 34.28
N LYS A 625 -18.35 -14.68 34.42
CA LYS A 625 -17.03 -14.95 33.85
C LYS A 625 -17.07 -14.88 32.33
N ARG A 626 -16.21 -14.06 31.73
CA ARG A 626 -16.19 -13.88 30.28
C ARG A 626 -15.85 -15.18 29.59
N ILE A 627 -16.63 -15.52 28.58
CA ILE A 627 -16.45 -16.75 27.83
C ILE A 627 -16.07 -16.43 26.39
N ASN A 628 -14.95 -16.98 25.92
CA ASN A 628 -14.52 -16.70 24.54
C ASN A 628 -15.20 -17.61 23.53
N VAL A 635 -6.49 -15.61 26.56
CA VAL A 635 -6.80 -15.24 27.93
C VAL A 635 -6.67 -13.74 28.11
N TYR A 636 -7.68 -13.14 28.71
CA TYR A 636 -7.69 -11.70 28.89
C TYR A 636 -6.96 -11.32 30.16
N THR A 637 -6.69 -10.02 30.31
CA THR A 637 -6.24 -9.52 31.59
C THR A 637 -7.32 -9.78 32.64
N ASP A 638 -6.95 -9.68 33.92
CA ASP A 638 -7.90 -9.93 34.98
C ASP A 638 -9.10 -9.00 34.92
N HIS A 639 -8.86 -7.72 34.70
CA HIS A 639 -9.97 -6.80 34.57
C HIS A 639 -10.86 -7.17 33.40
N GLU A 640 -10.30 -7.85 32.39
CA GLU A 640 -11.07 -8.05 31.19
C GLU A 640 -11.75 -9.40 31.20
N SER A 641 -11.59 -10.11 32.30
CA SER A 641 -12.01 -11.49 32.37
C SER A 641 -13.41 -11.68 32.92
N TYR A 642 -14.07 -10.57 33.26
CA TYR A 642 -15.45 -10.65 33.72
C TYR A 642 -16.34 -9.61 33.06
N ILE A 643 -17.56 -9.98 32.72
CA ILE A 643 -18.49 -9.04 32.12
C ILE A 643 -19.54 -8.66 33.13
N VAL A 644 -19.78 -7.37 33.27
CA VAL A 644 -20.82 -6.91 34.16
C VAL A 644 -21.87 -6.17 33.35
N ASN A 645 -23.12 -6.57 33.49
CA ASN A 645 -24.21 -5.86 32.85
C ASN A 645 -24.74 -4.79 33.78
N VAL A 646 -24.76 -3.55 33.31
CA VAL A 646 -25.25 -2.47 34.13
C VAL A 646 -26.34 -1.65 33.44
N VAL A 647 -27.23 -1.08 34.23
CA VAL A 647 -28.23 -0.19 33.72
C VAL A 647 -27.72 1.21 33.77
N VAL A 648 -27.77 1.91 32.65
CA VAL A 648 -27.41 3.32 32.64
C VAL A 648 -28.61 4.13 32.16
N ASN A 649 -28.70 5.38 32.55
CA ASN A 649 -29.84 6.19 32.18
C ASN A 649 -29.35 7.43 31.48
N THR A 650 -28.13 7.36 30.99
CA THR A 650 -27.49 8.47 30.31
C THR A 650 -27.14 8.14 28.88
N MET A 651 -27.78 7.12 28.34
CA MET A 651 -27.48 6.67 26.99
C MET A 651 -28.09 7.58 25.94
N TYR A 652 -27.30 7.91 24.92
CA TYR A 652 -27.78 8.79 23.87
C TYR A 652 -28.98 8.21 23.18
N ILE A 653 -30.04 9.01 23.10
CA ILE A 653 -31.33 8.56 22.59
C ILE A 653 -31.24 7.81 21.27
N ASP A 654 -30.38 8.24 20.36
CA ASP A 654 -30.30 7.61 19.05
C ASP A 654 -29.23 6.53 18.95
N SER A 655 -28.63 6.11 20.05
CA SER A 655 -27.66 5.02 19.97
C SER A 655 -28.32 3.71 19.60
N PRO A 656 -27.65 2.90 18.77
CA PRO A 656 -28.26 1.65 18.28
C PRO A 656 -28.33 0.56 19.32
N VAL A 657 -29.02 0.82 20.43
CA VAL A 657 -29.06 -0.15 21.54
C VAL A 657 -29.60 -1.51 21.14
N ASN A 658 -30.17 -1.63 19.95
CA ASN A 658 -30.63 -2.94 19.47
C ASN A 658 -29.50 -3.85 19.05
N LEU A 659 -28.31 -3.29 18.87
CA LEU A 659 -27.19 -4.10 18.46
C LEU A 659 -26.42 -4.69 19.63
N LEU A 660 -26.65 -4.17 20.84
CA LEU A 660 -25.96 -4.66 22.03
C LEU A 660 -26.15 -6.14 22.22
N LYS A 661 -25.07 -6.81 22.58
CA LYS A 661 -25.15 -8.23 22.89
C LYS A 661 -24.69 -8.46 24.32
N PRO A 662 -25.34 -9.39 25.02
CA PRO A 662 -25.29 -9.43 26.49
C PRO A 662 -23.91 -9.72 27.04
N PHE A 663 -23.00 -10.29 26.26
CA PHE A 663 -21.66 -10.41 26.81
C PHE A 663 -20.58 -10.08 25.81
N ASN A 664 -20.81 -9.02 25.05
CA ASN A 664 -19.79 -8.43 24.21
C ASN A 664 -19.51 -7.02 24.64
N PRO A 665 -18.45 -6.84 25.43
CA PRO A 665 -18.09 -5.55 26.00
C PRO A 665 -17.66 -4.55 24.96
N THR A 666 -17.46 -4.99 23.73
CA THR A 666 -17.13 -4.06 22.67
C THR A 666 -18.41 -3.43 22.13
N LEU A 667 -18.78 -2.28 22.68
CA LEU A 667 -20.03 -1.65 22.29
C LEU A 667 -20.06 -1.28 20.83
N PRO A 668 -21.18 -1.55 20.16
CA PRO A 668 -21.44 -1.13 18.78
C PRO A 668 -21.08 0.32 18.52
N GLU A 669 -20.66 0.60 17.30
CA GLU A 669 -20.46 1.98 16.87
C GLU A 669 -21.77 2.74 16.98
N GLY A 670 -21.72 3.92 17.59
CA GLY A 670 -22.90 4.73 17.80
C GLY A 670 -23.27 4.80 19.28
N ILE A 671 -23.00 3.73 20.00
CA ILE A 671 -23.26 3.73 21.43
C ILE A 671 -22.46 4.80 22.13
N ARG A 672 -23.14 5.79 22.70
CA ARG A 672 -22.42 6.82 23.44
C ARG A 672 -23.31 7.48 24.47
N PRO A 673 -22.71 8.18 25.44
CA PRO A 673 -23.44 9.00 26.40
C PRO A 673 -24.09 10.19 25.72
N ALA A 674 -25.03 10.84 26.38
CA ALA A 674 -25.64 12.01 25.80
C ALA A 674 -24.83 13.22 26.21
N GLU A 675 -24.90 14.27 25.42
CA GLU A 675 -24.19 15.48 25.74
C GLU A 675 -25.16 16.59 26.07
N GLU A 676 -24.62 17.77 26.38
CA GLU A 676 -25.36 18.88 26.99
C GLU A 676 -26.81 19.05 26.53
N GLY A 677 -27.05 19.09 25.22
CA GLY A 677 -28.39 19.32 24.74
C GLY A 677 -29.10 18.15 24.10
N GLU A 678 -28.85 16.94 24.59
CA GLU A 678 -29.47 15.78 23.97
C GLU A 678 -30.36 15.02 24.95
N LYS A 679 -31.32 14.26 24.41
CA LYS A 679 -32.18 13.41 25.23
C LYS A 679 -31.50 12.08 25.56
N SER A 680 -31.86 11.50 26.71
CA SER A 680 -31.26 10.26 27.17
C SER A 680 -32.23 9.10 27.18
N ILE A 681 -31.73 7.88 27.09
CA ILE A 681 -32.55 6.71 27.34
C ILE A 681 -31.86 5.70 28.26
N CYS A 682 -32.63 4.79 28.83
CA CYS A 682 -32.10 3.84 29.76
C CYS A 682 -31.71 2.59 29.01
N ALA A 683 -30.59 2.01 29.39
CA ALA A 683 -30.16 0.79 28.70
C ALA A 683 -29.33 -0.10 29.61
N VAL A 684 -29.21 -1.35 29.18
CA VAL A 684 -28.39 -2.32 29.84
C VAL A 684 -27.17 -2.59 28.98
N ILE A 685 -26.00 -2.15 29.43
CA ILE A 685 -24.78 -2.36 28.67
C ILE A 685 -23.84 -3.32 29.34
N PRO A 686 -23.06 -4.06 28.55
CA PRO A 686 -22.05 -4.94 29.10
C PRO A 686 -20.72 -4.23 29.18
N ILE A 687 -20.07 -4.27 30.34
CA ILE A 687 -18.76 -3.67 30.49
C ILE A 687 -17.84 -4.64 31.17
N THR A 688 -16.55 -4.38 31.06
CA THR A 688 -15.56 -5.11 31.83
C THR A 688 -15.22 -4.31 33.05
N LEU A 689 -14.51 -4.93 33.98
CA LEU A 689 -14.21 -4.25 35.23
C LEU A 689 -13.35 -3.03 34.98
N ASP A 690 -12.74 -2.94 33.81
CA ASP A 690 -11.96 -1.74 33.52
C ASP A 690 -12.83 -0.52 33.42
N SER A 691 -14.11 -0.72 33.18
CA SER A 691 -14.96 0.43 32.90
C SER A 691 -15.61 0.94 34.17
N ILE A 692 -15.32 0.27 35.28
CA ILE A 692 -15.84 0.71 36.56
C ILE A 692 -14.91 1.74 37.19
N LYS A 693 -15.42 2.94 37.39
CA LYS A 693 -14.62 3.98 38.01
C LYS A 693 -14.74 3.98 39.54
N SER A 694 -15.92 3.70 40.05
CA SER A 694 -16.12 3.63 41.49
C SER A 694 -17.28 2.73 41.87
N ILE A 695 -17.22 2.20 43.08
CA ILE A 695 -18.26 1.35 43.61
C ILE A 695 -18.90 1.99 44.84
N GLY A 696 -20.20 2.23 44.75
CA GLY A 696 -20.91 2.95 45.80
C GLY A 696 -21.37 2.08 46.93
N ASN A 697 -21.83 2.67 48.03
CA ASN A 697 -22.22 1.80 49.13
C ASN A 697 -23.71 1.55 49.12
N LEU A 698 -24.34 1.77 47.97
CA LEU A 698 -25.77 1.61 47.85
C LEU A 698 -26.16 0.56 46.84
N ARG A 699 -27.31 -0.08 47.05
CA ARG A 699 -27.90 -0.96 46.04
C ARG A 699 -29.35 -0.60 45.79
N LEU A 700 -29.72 -0.36 44.54
CA LEU A 700 -31.12 -0.24 44.18
C LEU A 700 -31.84 -1.53 44.40
N TYR A 701 -33.15 -1.46 44.61
CA TYR A 701 -33.94 -2.67 44.53
C TYR A 701 -34.16 -2.93 43.05
N MET A 702 -33.70 -4.07 42.55
CA MET A 702 -33.79 -4.30 41.12
C MET A 702 -35.08 -5.00 40.71
N PRO A 703 -35.55 -4.72 39.49
CA PRO A 703 -36.76 -5.39 39.02
C PRO A 703 -36.48 -6.84 38.79
N LYS A 704 -37.52 -7.66 38.84
CA LYS A 704 -37.31 -9.08 38.71
C LYS A 704 -36.99 -9.43 37.27
N ASP A 705 -37.49 -8.60 36.35
CA ASP A 705 -37.28 -8.88 34.94
C ASP A 705 -36.90 -7.61 34.23
N ILE A 706 -35.60 -7.35 34.19
CA ILE A 706 -35.11 -6.14 33.57
C ILE A 706 -35.51 -6.06 32.11
N ARG A 707 -35.98 -7.13 31.50
CA ARG A 707 -36.30 -7.05 30.07
C ARG A 707 -37.79 -6.75 29.86
N ALA A 708 -38.52 -6.67 30.96
CA ALA A 708 -39.94 -6.43 30.88
C ALA A 708 -40.20 -4.94 30.70
N SER A 709 -41.32 -4.60 30.06
CA SER A 709 -41.58 -3.23 29.68
C SER A 709 -41.40 -2.30 30.86
N GLY A 710 -40.75 -1.17 30.62
CA GLY A 710 -40.60 -0.14 31.61
C GLY A 710 -39.63 -0.38 32.74
N GLN A 711 -39.12 -1.60 32.84
CA GLN A 711 -38.27 -1.91 33.99
C GLN A 711 -36.93 -1.16 33.93
N LYS A 712 -36.40 -0.97 32.74
CA LYS A 712 -35.17 -0.22 32.64
C LYS A 712 -35.46 1.20 33.12
N GLU A 713 -36.50 1.78 32.57
CA GLU A 713 -36.84 3.13 32.94
C GLU A 713 -37.12 3.23 34.43
N THR A 714 -37.58 2.13 35.04
CA THR A 714 -37.84 2.15 36.48
C THR A 714 -36.51 2.28 37.23
N VAL A 715 -35.53 1.51 36.83
CA VAL A 715 -34.20 1.67 37.41
C VAL A 715 -33.73 3.08 37.21
N GLY A 716 -33.98 3.62 36.02
CA GLY A 716 -33.55 4.96 35.72
C GLY A 716 -34.11 5.97 36.68
N LYS A 717 -35.39 5.83 36.99
CA LYS A 717 -36.04 6.73 37.94
C LYS A 717 -35.37 6.67 39.29
N SER A 718 -35.04 5.46 39.74
CA SER A 718 -34.36 5.26 41.01
C SER A 718 -32.98 5.90 41.00
N LEU A 719 -32.29 5.80 39.88
CA LEU A 719 -31.02 6.48 39.77
C LEU A 719 -31.22 7.98 39.94
N ARG A 720 -32.27 8.51 39.31
CA ARG A 720 -32.48 9.95 39.36
C ARG A 720 -32.65 10.34 40.81
N GLU A 721 -33.43 9.52 41.51
CA GLU A 721 -33.69 9.79 42.90
C GLU A 721 -32.40 9.71 43.72
N VAL A 722 -31.59 8.69 43.47
CA VAL A 722 -30.31 8.59 44.17
C VAL A 722 -29.43 9.83 43.93
N ASN A 723 -29.31 10.23 42.67
CA ASN A 723 -28.50 11.41 42.37
C ASN A 723 -29.06 12.66 43.03
N ARG A 724 -30.38 12.72 43.13
CA ARG A 724 -31.02 13.87 43.74
C ARG A 724 -30.83 13.82 45.23
N ARG A 725 -30.72 12.63 45.79
CA ARG A 725 -30.52 12.55 47.21
C ARG A 725 -29.03 12.66 47.55
N PHE A 726 -28.19 12.71 46.53
CA PHE A 726 -26.75 12.86 46.76
C PHE A 726 -26.10 13.71 45.68
N PRO A 727 -26.50 14.99 45.60
CA PRO A 727 -26.13 15.90 44.52
C PRO A 727 -24.63 16.09 44.38
N ASP A 728 -23.94 15.99 45.51
CA ASP A 728 -22.51 16.19 45.53
C ASP A 728 -21.76 14.87 45.56
N GLY A 729 -22.21 13.92 44.74
CA GLY A 729 -21.49 12.67 44.58
C GLY A 729 -22.07 11.53 45.39
N ILE A 730 -22.23 10.39 44.75
CA ILE A 730 -22.75 9.20 45.41
C ILE A 730 -21.66 8.55 46.28
N PRO A 731 -22.00 8.25 47.55
CA PRO A 731 -21.02 7.73 48.50
C PRO A 731 -20.44 6.40 48.08
N VAL A 732 -19.14 6.21 48.30
CA VAL A 732 -18.45 5.04 47.81
C VAL A 732 -18.07 4.03 48.87
N LEU A 733 -17.81 2.80 48.46
CA LEU A 733 -17.28 1.81 49.37
C LEU A 733 -15.91 2.22 49.85
N ASP A 734 -15.71 2.28 51.15
CA ASP A 734 -14.38 2.55 51.63
C ASP A 734 -13.51 1.33 51.37
N PRO A 735 -12.44 1.48 50.59
CA PRO A 735 -11.64 0.31 50.20
C PRO A 735 -11.01 -0.36 51.39
N VAL A 736 -10.81 0.40 52.45
CA VAL A 736 -10.16 -0.13 53.61
C VAL A 736 -11.19 -0.60 54.61
N LYS A 737 -12.07 0.30 55.04
CA LYS A 737 -12.98 -0.02 56.12
C LYS A 737 -14.10 -0.94 55.70
N ASN A 738 -14.43 -0.95 54.41
CA ASN A 738 -15.52 -1.78 53.92
C ASN A 738 -15.02 -2.98 53.17
N MET A 739 -14.15 -2.75 52.20
CA MET A 739 -13.72 -3.84 51.33
C MET A 739 -12.61 -4.65 51.98
N LYS A 740 -12.11 -4.15 53.11
CA LYS A 740 -11.09 -4.85 53.89
C LYS A 740 -9.81 -5.08 53.12
N ILE A 741 -9.42 -4.14 52.26
CA ILE A 741 -8.15 -4.30 51.59
C ILE A 741 -7.09 -3.67 52.46
N GLU A 742 -6.29 -4.48 53.16
CA GLU A 742 -5.43 -3.93 54.21
C GLU A 742 -3.97 -4.36 54.16
N ASP A 743 -3.52 -4.87 53.03
CA ASP A 743 -2.12 -5.23 52.88
C ASP A 743 -1.28 -3.98 52.98
N GLU A 744 -0.02 -4.16 53.32
CA GLU A 744 0.87 -3.06 53.65
C GLU A 744 0.96 -2.03 52.54
N ASP A 745 1.17 -2.50 51.32
CA ASP A 745 1.37 -1.58 50.21
C ASP A 745 0.11 -0.79 49.92
N PHE A 746 -1.05 -1.42 50.07
CA PHE A 746 -2.24 -0.67 49.77
C PHE A 746 -2.39 0.43 50.80
N LEU A 747 -2.03 0.15 52.05
CA LEU A 747 -2.22 1.16 53.08
C LEU A 747 -1.30 2.35 52.86
N LYS A 748 -0.06 2.10 52.47
CA LYS A 748 0.80 3.26 52.35
C LYS A 748 0.45 4.01 51.07
N LEU A 749 -0.18 3.30 50.14
CA LEU A 749 -0.75 3.98 48.98
C LEU A 749 -1.80 4.98 49.43
N MET A 750 -2.75 4.55 50.25
CA MET A 750 -3.78 5.47 50.74
C MET A 750 -3.15 6.61 51.53
N LYS A 751 -2.03 6.32 52.19
CA LYS A 751 -1.42 7.34 53.02
C LYS A 751 -0.75 8.38 52.14
N LYS A 752 -0.14 7.95 51.03
CA LYS A 752 0.45 8.91 50.10
C LYS A 752 -0.63 9.84 49.61
N ILE A 753 -1.77 9.26 49.27
CA ILE A 753 -2.88 10.08 48.82
C ILE A 753 -3.25 11.03 49.94
N ASP A 754 -3.08 10.56 51.17
CA ASP A 754 -3.51 11.37 52.28
C ASP A 754 -2.56 12.56 52.44
N VAL A 755 -1.26 12.27 52.37
CA VAL A 755 -0.24 13.31 52.50
C VAL A 755 -0.48 14.41 51.49
N LEU A 756 -0.71 14.02 50.24
CA LEU A 756 -0.85 14.97 49.16
C LEU A 756 -2.12 15.80 49.25
N ASN A 757 -3.17 15.28 49.86
CA ASN A 757 -4.41 16.03 49.90
C ASN A 757 -4.32 17.18 50.87
N THR A 758 -3.56 16.99 51.94
CA THR A 758 -3.38 18.05 52.92
C THR A 758 -2.38 19.06 52.38
N LYS A 759 -1.31 18.56 51.75
CA LYS A 759 -0.33 19.41 51.09
C LYS A 759 -1.03 20.28 50.06
N LEU A 760 -1.98 19.70 49.36
CA LEU A 760 -2.76 20.44 48.39
C LEU A 760 -3.51 21.55 49.07
N SER A 761 -4.10 21.25 50.22
CA SER A 761 -4.91 22.23 50.93
C SER A 761 -4.07 23.42 51.37
N SER A 762 -2.78 23.19 51.55
CA SER A 762 -1.88 24.26 51.94
C SER A 762 -1.65 25.25 50.79
N ASN A 763 -1.74 24.78 49.56
CA ASN A 763 -1.52 25.66 48.41
C ASN A 763 -2.60 26.73 48.34
N PRO A 764 -2.20 28.01 48.37
CA PRO A 764 -3.11 29.16 48.38
C PRO A 764 -4.17 29.10 47.29
N LEU A 765 -3.79 28.59 46.12
CA LEU A 765 -4.67 28.64 44.97
C LEU A 765 -5.93 27.81 45.14
N THR A 766 -5.79 26.68 45.80
CA THR A 766 -6.85 25.66 45.83
C THR A 766 -8.19 26.20 46.29
N ASN A 767 -8.15 27.19 47.18
CA ASN A 767 -9.38 27.78 47.66
C ASN A 767 -9.81 28.94 46.77
N SER A 768 -8.83 29.68 46.25
CA SER A 768 -9.08 30.97 45.61
C SER A 768 -10.00 30.93 44.40
N MET A 769 -10.31 32.12 43.88
CA MET A 769 -11.28 32.28 42.81
C MET A 769 -10.61 32.24 41.44
N ARG A 770 -9.33 32.59 41.40
CA ARG A 770 -8.56 32.58 40.15
C ARG A 770 -8.68 31.21 39.48
N LEU A 771 -8.15 30.19 40.16
CA LEU A 771 -8.30 28.79 39.77
C LEU A 771 -8.18 28.55 38.26
N GLU A 772 -9.33 28.28 37.64
CA GLU A 772 -9.37 27.91 36.24
C GLU A 772 -8.74 28.96 35.35
N GLU A 773 -8.86 30.22 35.76
CA GLU A 773 -8.21 31.30 35.01
C GLU A 773 -6.70 31.08 35.03
N LEU A 774 -6.15 30.96 36.22
CA LEU A 774 -4.71 30.80 36.36
C LEU A 774 -4.28 29.45 35.81
N TYR A 775 -5.14 28.45 35.98
CA TYR A 775 -4.82 27.10 35.56
C TYR A 775 -4.82 26.98 34.05
N GLY A 776 -5.95 27.35 33.44
CA GLY A 776 -6.11 27.29 32.00
C GLY A 776 -5.04 28.08 31.28
N LYS A 777 -4.57 29.14 31.92
CA LYS A 777 -3.49 29.92 31.36
C LYS A 777 -2.23 29.09 31.35
N TYR A 778 -1.92 28.51 32.51
CA TYR A 778 -0.78 27.64 32.67
C TYR A 778 -0.80 26.53 31.64
N SER A 779 -1.96 25.90 31.50
CA SER A 779 -2.13 24.81 30.54
C SER A 779 -1.84 25.27 29.12
N ARG A 780 -2.39 26.43 28.75
CA ARG A 780 -2.32 26.88 27.37
C ARG A 780 -0.89 27.11 26.90
N LYS A 781 -0.07 27.72 27.73
CA LYS A 781 1.28 28.06 27.30
C LYS A 781 2.04 26.78 26.95
N HIS A 782 1.89 25.76 27.77
CA HIS A 782 2.68 24.56 27.58
C HIS A 782 2.29 23.86 26.30
N ASP A 783 0.99 23.74 26.06
CA ASP A 783 0.50 23.19 24.80
C ASP A 783 1.09 23.99 23.67
N LEU A 784 0.92 25.31 23.75
CA LEU A 784 1.40 26.21 22.72
C LEU A 784 2.89 26.04 22.55
N HIS A 785 3.59 25.89 23.65
CA HIS A 785 5.02 25.64 23.59
C HIS A 785 5.26 24.35 22.85
N GLU A 786 4.45 23.34 23.13
CA GLU A 786 4.62 22.05 22.48
C GLU A 786 4.36 22.14 20.99
N ASP A 787 3.22 22.72 20.61
CA ASP A 787 2.88 22.87 19.22
C ASP A 787 4.03 23.55 18.51
N MET A 788 4.53 24.63 19.10
CA MET A 788 5.64 25.35 18.51
C MET A 788 6.85 24.45 18.32
N LYS A 789 7.23 23.74 19.38
CA LYS A 789 8.42 22.88 19.30
C LYS A 789 8.25 21.90 18.17
N GLN A 790 7.04 21.35 18.08
CA GLN A 790 6.73 20.37 17.05
C GLN A 790 6.75 21.02 15.69
N LEU A 791 6.11 22.18 15.60
CA LEU A 791 6.05 22.90 14.34
C LEU A 791 7.45 23.32 13.90
N LYS A 792 8.27 23.76 14.83
CA LYS A 792 9.63 24.19 14.50
C LYS A 792 10.40 23.05 13.86
N ARG A 793 10.04 21.83 14.22
CA ARG A 793 10.73 20.66 13.72
C ARG A 793 10.33 20.35 12.28
N LYS A 794 9.02 20.22 12.03
CA LYS A 794 8.54 20.00 10.67
C LYS A 794 9.17 20.98 9.70
N ILE A 795 9.26 22.23 10.13
CA ILE A 795 9.87 23.28 9.33
C ILE A 795 11.32 22.97 9.09
N SER A 796 11.99 22.45 10.11
CA SER A 796 13.41 22.19 10.01
C SER A 796 13.67 21.09 8.98
N GLU A 797 12.75 20.15 8.89
CA GLU A 797 12.97 19.02 8.00
C GLU A 797 12.36 19.26 6.63
N SER A 798 11.87 20.49 6.41
CA SER A 798 11.40 20.88 5.09
C SER A 798 12.40 21.78 4.38
N GLN A 799 13.67 21.70 4.76
CA GLN A 799 14.67 22.57 4.17
C GLN A 799 15.51 21.88 3.11
N ALA A 800 15.87 22.62 2.09
CA ALA A 800 16.61 22.08 0.97
C ALA A 800 17.98 21.55 1.39
N VAL A 801 18.48 22.00 2.53
CA VAL A 801 19.83 21.64 2.94
C VAL A 801 19.96 20.15 3.24
N ILE A 802 18.89 19.55 3.76
CA ILE A 802 18.85 18.12 4.02
C ILE A 802 19.34 17.35 2.81
N GLN A 803 18.58 17.47 1.73
CA GLN A 803 18.94 16.86 0.47
C GLN A 803 20.31 17.29 0.03
N LEU A 804 20.71 18.51 0.38
CA LEU A 804 22.02 18.97 -0.03
C LEU A 804 23.12 18.24 0.74
N ASP A 805 22.83 17.91 1.98
CA ASP A 805 23.76 17.10 2.77
C ASP A 805 23.91 15.73 2.15
N ASP A 806 22.77 15.08 1.96
CA ASP A 806 22.71 13.80 1.28
C ASP A 806 23.59 13.82 0.04
N LEU A 807 23.58 14.93 -0.68
CA LEU A 807 24.35 15.02 -1.91
C LEU A 807 25.84 15.03 -1.66
N ARG A 808 26.26 15.82 -0.69
CA ARG A 808 27.69 15.94 -0.42
C ARG A 808 28.21 14.62 0.12
N ARG A 809 27.44 14.00 0.99
CA ARG A 809 27.80 12.68 1.50
C ARG A 809 28.00 11.72 0.33
N ARG A 810 26.98 11.54 -0.50
CA ARG A 810 27.06 10.58 -1.60
C ARG A 810 28.21 10.89 -2.54
N LYS A 811 28.61 12.15 -2.59
CA LYS A 811 29.74 12.53 -3.42
C LYS A 811 31.03 12.01 -2.81
N ARG A 812 31.12 12.09 -1.48
CA ARG A 812 32.26 11.55 -0.75
C ARG A 812 32.45 10.12 -1.21
N VAL A 813 31.36 9.37 -1.12
CA VAL A 813 31.33 7.98 -1.55
C VAL A 813 31.89 7.81 -2.94
N LEU A 814 31.41 8.62 -3.87
CA LEU A 814 31.83 8.50 -5.24
C LEU A 814 33.29 8.88 -5.39
N ARG A 815 33.72 9.83 -4.58
CA ARG A 815 35.12 10.23 -4.58
C ARG A 815 35.94 9.09 -4.00
N ARG A 816 35.57 8.67 -2.79
CA ARG A 816 36.29 7.62 -2.09
C ARG A 816 36.41 6.35 -2.92
N LEU A 817 35.39 6.07 -3.73
CA LEU A 817 35.40 4.85 -4.51
C LEU A 817 36.14 5.02 -5.82
N GLY A 818 36.39 6.26 -6.19
CA GLY A 818 37.14 6.57 -7.40
C GLY A 818 36.28 6.69 -8.64
N PHE A 819 35.01 7.03 -8.45
CA PHE A 819 34.11 7.20 -9.58
C PHE A 819 34.20 8.61 -10.13
N CYS A 820 34.50 9.57 -9.25
CA CYS A 820 34.71 10.93 -9.70
C CYS A 820 35.85 11.56 -8.92
N THR A 821 36.42 12.61 -9.50
CA THR A 821 37.51 13.35 -8.87
C THR A 821 37.03 14.13 -7.65
N PRO A 822 37.96 14.63 -6.84
CA PRO A 822 37.54 15.53 -5.76
C PRO A 822 36.89 16.82 -6.28
N ASN A 823 37.20 17.17 -7.53
CA ASN A 823 36.61 18.34 -8.16
C ASN A 823 35.25 18.03 -8.78
N ASP A 824 34.71 16.87 -8.43
CA ASP A 824 33.43 16.42 -8.98
C ASP A 824 33.49 16.31 -10.49
N ILE A 825 34.57 15.72 -11.00
CA ILE A 825 34.67 15.39 -12.42
C ILE A 825 34.67 13.88 -12.56
N ILE A 826 33.86 13.38 -13.48
CA ILE A 826 33.61 11.95 -13.59
C ILE A 826 34.84 11.17 -14.05
N GLU A 827 35.03 10.00 -13.46
CA GLU A 827 36.13 9.12 -13.85
C GLU A 827 35.66 8.08 -14.84
N LEU A 828 36.58 7.21 -15.26
CA LEU A 828 36.21 6.12 -16.16
C LEU A 828 35.21 5.21 -15.46
N LYS A 829 35.39 5.05 -14.16
CA LYS A 829 34.51 4.19 -13.38
C LYS A 829 33.12 4.80 -13.29
N GLY A 830 33.06 6.13 -13.22
CA GLY A 830 31.78 6.80 -13.17
C GLY A 830 31.03 6.60 -14.47
N ARG A 831 31.78 6.67 -15.56
CA ARG A 831 31.16 6.59 -16.87
C ARG A 831 30.51 5.25 -17.10
N VAL A 832 31.12 4.18 -16.63
CA VAL A 832 30.50 2.88 -16.84
C VAL A 832 29.29 2.75 -15.93
N ALA A 833 29.40 3.27 -14.72
CA ALA A 833 28.31 3.16 -13.78
C ALA A 833 27.09 3.90 -14.31
N CYS A 834 27.33 4.95 -15.10
CA CYS A 834 26.24 5.70 -15.72
C CYS A 834 25.32 4.78 -16.49
N GLU A 835 25.90 3.80 -17.18
CA GLU A 835 25.13 3.00 -18.10
C GLU A 835 24.59 1.72 -17.47
N ILE A 836 24.46 1.71 -16.15
CA ILE A 836 23.96 0.53 -15.48
C ILE A 836 22.73 0.88 -14.68
N SER A 837 21.56 0.37 -15.08
CA SER A 837 20.37 0.77 -14.36
C SER A 837 19.66 -0.42 -13.79
N SER A 838 20.07 -1.60 -14.19
CA SER A 838 19.35 -2.81 -13.82
C SER A 838 19.83 -3.40 -12.48
N GLY A 839 21.10 -3.20 -12.14
CA GLY A 839 21.60 -3.62 -10.84
C GLY A 839 22.27 -2.47 -10.10
N ASP A 840 22.79 -2.74 -8.90
CA ASP A 840 23.51 -1.74 -8.11
C ASP A 840 24.75 -1.28 -8.85
N GLU A 841 24.72 -0.06 -9.35
CA GLU A 841 25.78 0.43 -10.23
C GLU A 841 27.14 0.56 -9.53
N LEU A 842 27.14 0.80 -8.23
CA LEU A 842 28.44 0.88 -7.55
C LEU A 842 29.09 -0.50 -7.56
N LEU A 843 28.46 -1.42 -6.83
CA LEU A 843 29.00 -2.75 -6.62
C LEU A 843 29.36 -3.43 -7.93
N LEU A 844 28.51 -3.28 -8.93
CA LEU A 844 28.76 -3.89 -10.21
C LEU A 844 29.99 -3.30 -10.84
N THR A 845 30.14 -1.99 -10.69
CA THR A 845 31.26 -1.32 -11.32
C THR A 845 32.53 -1.82 -10.68
N GLU A 846 32.59 -1.72 -9.35
CA GLU A 846 33.73 -2.23 -8.60
C GLU A 846 34.08 -3.64 -9.04
N LEU A 847 33.07 -4.51 -9.08
CA LEU A 847 33.28 -5.89 -9.49
C LEU A 847 34.01 -5.93 -10.81
N ILE A 848 33.57 -5.11 -11.74
CA ILE A 848 34.12 -5.21 -13.07
C ILE A 848 35.58 -4.80 -13.07
N PHE A 849 35.89 -3.72 -12.39
CA PHE A 849 37.23 -3.16 -12.52
C PHE A 849 38.25 -3.96 -11.71
N ASN A 850 37.79 -4.61 -10.64
CA ASN A 850 38.71 -5.45 -9.88
C ASN A 850 39.01 -6.75 -10.58
N GLY A 851 38.21 -7.10 -11.58
CA GLY A 851 38.52 -8.27 -12.39
C GLY A 851 37.78 -9.55 -12.07
N ASN A 852 36.85 -9.52 -11.12
CA ASN A 852 36.12 -10.72 -10.73
C ASN A 852 35.51 -11.49 -11.90
N PHE A 853 35.23 -10.85 -13.01
CA PHE A 853 34.59 -11.58 -14.11
C PHE A 853 35.65 -12.17 -15.01
N ASN A 854 36.91 -11.78 -14.79
CA ASN A 854 37.96 -12.16 -15.73
C ASN A 854 38.09 -13.65 -15.93
N GLU A 855 38.05 -14.40 -14.85
CA GLU A 855 38.39 -15.82 -14.92
C GLU A 855 37.19 -16.73 -14.82
N LEU A 856 36.00 -16.15 -14.67
CA LEU A 856 34.79 -16.95 -14.61
C LEU A 856 34.35 -17.45 -15.97
N LYS A 857 33.90 -18.68 -16.04
CA LYS A 857 33.16 -19.13 -17.21
C LYS A 857 31.85 -18.34 -17.28
N PRO A 858 31.21 -18.30 -18.45
CA PRO A 858 29.95 -17.55 -18.54
C PRO A 858 28.90 -18.02 -17.54
N GLU A 859 28.72 -19.33 -17.39
CA GLU A 859 27.70 -19.80 -16.49
C GLU A 859 27.97 -19.32 -15.06
N GLN A 860 29.25 -19.21 -14.69
CA GLN A 860 29.55 -18.62 -13.40
C GLN A 860 29.12 -17.18 -13.37
N ALA A 861 29.41 -16.46 -14.44
CA ALA A 861 29.10 -15.04 -14.50
C ALA A 861 27.59 -14.84 -14.42
N ALA A 862 26.87 -15.62 -15.22
CA ALA A 862 25.42 -15.69 -15.14
C ALA A 862 25.01 -15.81 -13.69
N ALA A 863 25.50 -16.85 -13.02
CA ALA A 863 25.10 -17.14 -11.65
C ALA A 863 25.40 -15.97 -10.75
N LEU A 864 26.61 -15.43 -10.84
CA LEU A 864 26.94 -14.29 -10.02
C LEU A 864 26.00 -13.14 -10.33
N LEU A 865 25.73 -12.93 -11.61
CA LEU A 865 24.87 -11.82 -11.98
C LEU A 865 23.43 -11.98 -11.48
N SER A 866 23.02 -13.23 -11.25
CA SER A 866 21.64 -13.44 -10.78
C SER A 866 21.50 -12.78 -9.42
N CYS A 867 22.62 -12.62 -8.73
CA CYS A 867 22.58 -11.95 -7.44
C CYS A 867 22.15 -10.49 -7.54
N PHE A 868 21.99 -9.95 -8.75
CA PHE A 868 21.54 -8.55 -8.82
C PHE A 868 20.14 -8.46 -9.40
N ALA A 869 19.75 -9.49 -10.14
CA ALA A 869 18.48 -9.44 -10.84
C ALA A 869 17.39 -10.02 -9.97
N PHE A 870 17.80 -10.80 -9.00
CA PHE A 870 16.82 -11.51 -8.20
C PHE A 870 16.35 -10.62 -7.06
N GLN A 871 15.08 -10.26 -7.09
CA GLN A 871 14.57 -9.32 -6.10
C GLN A 871 13.47 -9.91 -5.23
N GLU A 872 13.36 -11.23 -5.19
CA GLU A 872 12.19 -11.87 -4.59
C GLU A 872 12.60 -12.56 -3.31
N ARG A 873 11.63 -12.97 -2.49
CA ARG A 873 11.99 -13.65 -1.25
C ARG A 873 11.54 -15.10 -1.26
N CYS A 874 12.37 -15.98 -0.68
CA CYS A 874 12.14 -17.40 -0.83
C CYS A 874 12.48 -18.17 0.43
N LYS A 875 12.00 -19.40 0.49
CA LYS A 875 12.15 -20.22 1.67
C LYS A 875 13.35 -21.18 1.58
N GLU A 876 13.69 -21.63 0.37
CA GLU A 876 14.79 -22.56 0.23
C GLU A 876 16.05 -21.85 -0.24
N ALA A 877 17.20 -22.47 -0.01
CA ALA A 877 18.49 -21.90 -0.38
C ALA A 877 19.51 -23.01 -0.62
N PRO A 878 20.37 -22.84 -1.62
CA PRO A 878 21.24 -23.95 -2.01
C PRO A 878 22.53 -24.00 -1.24
N ARG A 879 23.07 -25.21 -1.12
CA ARG A 879 24.37 -25.41 -0.51
C ARG A 879 25.43 -25.30 -1.60
N LEU A 880 26.06 -24.14 -1.71
CA LEU A 880 26.88 -23.87 -2.88
C LEU A 880 28.19 -24.63 -2.88
N LYS A 881 28.50 -25.25 -4.00
CA LYS A 881 29.81 -25.82 -4.24
C LYS A 881 30.80 -24.68 -4.46
N PRO A 882 32.11 -24.95 -4.47
CA PRO A 882 33.03 -23.80 -4.51
C PRO A 882 32.94 -22.94 -5.78
N GLU A 883 32.65 -23.54 -6.92
CA GLU A 883 32.68 -22.78 -8.15
C GLU A 883 31.59 -21.72 -8.19
N LEU A 884 30.71 -21.71 -7.19
CA LEU A 884 29.79 -20.59 -7.02
C LEU A 884 30.03 -19.89 -5.69
N ALA A 885 30.47 -20.63 -4.69
CA ALA A 885 30.61 -20.06 -3.36
C ALA A 885 31.71 -19.03 -3.32
N GLU A 886 32.78 -19.28 -4.09
CA GLU A 886 33.92 -18.35 -4.07
C GLU A 886 33.60 -17.00 -4.74
N PRO A 887 33.09 -17.00 -5.99
CA PRO A 887 32.72 -15.68 -6.54
C PRO A 887 31.75 -14.96 -5.64
N LEU A 888 30.80 -15.69 -5.07
CA LEU A 888 29.87 -15.08 -4.15
C LEU A 888 30.62 -14.44 -2.99
N LYS A 889 31.59 -15.16 -2.45
CA LYS A 889 32.32 -14.63 -1.30
C LYS A 889 33.09 -13.38 -1.71
N ALA A 890 33.77 -13.49 -2.84
CA ALA A 890 34.59 -12.41 -3.36
C ALA A 890 33.76 -11.15 -3.55
N MET A 891 32.53 -11.33 -4.01
CA MET A 891 31.66 -10.20 -4.25
C MET A 891 31.17 -9.59 -2.94
N ARG A 892 30.90 -10.43 -1.96
CA ARG A 892 30.43 -9.90 -0.69
C ARG A 892 31.52 -9.09 -0.05
N GLU A 893 32.77 -9.45 -0.31
CA GLU A 893 33.88 -8.68 0.25
C GLU A 893 33.88 -7.28 -0.30
N ILE A 894 33.70 -7.13 -1.61
CA ILE A 894 33.65 -5.81 -2.20
C ILE A 894 32.47 -5.03 -1.67
N ALA A 895 31.31 -5.67 -1.63
CA ALA A 895 30.13 -5.03 -1.08
C ALA A 895 30.47 -4.49 0.29
N ALA A 896 31.15 -5.30 1.09
CA ALA A 896 31.55 -4.92 2.43
C ALA A 896 32.39 -3.65 2.41
N LYS A 897 33.41 -3.64 1.56
CA LYS A 897 34.29 -2.50 1.41
C LYS A 897 33.43 -1.29 1.07
N ILE A 898 32.41 -1.52 0.25
CA ILE A 898 31.54 -0.44 -0.17
C ILE A 898 30.67 0.04 0.98
N ALA A 899 30.05 -0.90 1.69
CA ALA A 899 29.22 -0.51 2.81
C ALA A 899 30.06 0.20 3.86
N LYS A 900 31.37 -0.12 3.87
CA LYS A 900 32.29 0.57 4.77
C LYS A 900 32.23 2.04 4.43
N ILE A 901 32.74 2.33 3.24
CA ILE A 901 32.78 3.68 2.70
C ILE A 901 31.44 4.39 2.82
N MET A 902 30.35 3.64 2.72
CA MET A 902 29.05 4.24 2.92
C MET A 902 28.93 4.76 4.35
N LYS A 903 29.28 3.93 5.32
CA LYS A 903 29.24 4.35 6.72
C LYS A 903 30.22 5.48 6.94
N ASP A 904 31.40 5.32 6.34
CA ASP A 904 32.42 6.36 6.41
C ASP A 904 31.88 7.74 6.07
N SER A 905 30.83 7.78 5.27
CA SER A 905 30.27 9.04 4.84
C SER A 905 28.89 9.28 5.44
N LYS A 906 28.72 8.84 6.67
CA LYS A 906 27.57 9.23 7.48
C LYS A 906 26.24 8.95 6.78
N ILE A 907 26.21 7.88 6.00
CA ILE A 907 24.97 7.49 5.33
C ILE A 907 24.19 6.49 6.16
N GLU A 908 22.87 6.65 6.20
CA GLU A 908 22.02 5.81 7.02
C GLU A 908 21.90 4.39 6.49
N VAL A 909 23.04 3.70 6.42
CA VAL A 909 23.08 2.35 5.89
C VAL A 909 23.50 1.31 6.92
N VAL A 910 22.72 0.24 7.03
CA VAL A 910 23.07 -0.86 7.92
C VAL A 910 23.93 -1.90 7.18
N GLU A 911 25.23 -1.82 7.40
CA GLU A 911 26.24 -2.52 6.61
C GLU A 911 25.99 -4.01 6.33
N LYS A 912 25.26 -4.69 7.20
CA LYS A 912 25.05 -6.12 6.99
C LYS A 912 23.92 -6.31 6.01
N ASP A 913 22.87 -5.51 6.17
CA ASP A 913 21.70 -5.64 5.32
C ASP A 913 22.03 -5.35 3.87
N TYR A 914 23.02 -4.50 3.66
CA TYR A 914 23.44 -4.18 2.32
C TYR A 914 24.00 -5.42 1.67
N VAL A 915 25.12 -5.90 2.22
CA VAL A 915 25.75 -7.13 1.79
C VAL A 915 24.74 -8.22 1.46
N GLU A 916 23.74 -8.37 2.31
CA GLU A 916 22.80 -9.47 2.13
C GLU A 916 21.70 -9.14 1.15
N SER A 917 21.64 -7.90 0.71
CA SER A 917 20.55 -7.48 -0.17
C SER A 917 20.73 -8.10 -1.55
N PHE A 918 21.95 -8.50 -1.86
CA PHE A 918 22.24 -9.18 -3.11
C PHE A 918 21.94 -10.67 -2.97
N ARG A 919 20.76 -11.06 -3.40
CA ARG A 919 20.23 -12.37 -3.11
C ARG A 919 20.87 -13.45 -3.96
N HIS A 920 21.28 -14.53 -3.31
CA HIS A 920 22.08 -15.54 -3.97
C HIS A 920 21.30 -16.83 -4.19
N GLU A 921 20.09 -16.88 -3.66
CA GLU A 921 19.40 -18.15 -3.62
C GLU A 921 19.12 -18.78 -4.96
N LEU A 922 19.40 -18.08 -6.07
CA LEU A 922 19.14 -18.68 -7.38
C LEU A 922 20.40 -18.94 -8.16
N MET A 923 21.55 -18.83 -7.51
CA MET A 923 22.81 -19.05 -8.21
C MET A 923 22.87 -20.43 -8.82
N GLU A 924 22.40 -21.44 -8.11
CA GLU A 924 22.51 -22.76 -8.71
C GLU A 924 21.45 -22.93 -9.78
N VAL A 925 20.29 -22.31 -9.61
CA VAL A 925 19.28 -22.41 -10.65
C VAL A 925 19.85 -21.83 -11.94
N VAL A 926 20.38 -20.60 -11.85
CA VAL A 926 20.90 -19.96 -13.05
C VAL A 926 22.09 -20.69 -13.65
N TYR A 927 23.00 -21.08 -12.77
CA TYR A 927 24.18 -21.85 -13.17
C TYR A 927 23.78 -23.10 -13.98
N GLU A 928 22.86 -23.89 -13.48
CA GLU A 928 22.51 -25.11 -14.20
C GLU A 928 21.65 -24.85 -15.43
N TRP A 929 20.79 -23.84 -15.36
CA TRP A 929 20.03 -23.47 -16.54
C TRP A 929 21.03 -23.18 -17.64
N CYS A 930 22.06 -22.44 -17.28
CA CYS A 930 23.09 -22.11 -18.25
C CYS A 930 23.84 -23.33 -18.69
N ARG A 931 23.82 -24.41 -17.92
CA ARG A 931 24.52 -25.62 -18.38
C ARG A 931 23.60 -26.62 -19.05
N GLY A 932 22.32 -26.27 -19.19
CA GLY A 932 21.42 -27.06 -20.02
C GLY A 932 20.35 -27.85 -19.27
N ALA A 933 20.21 -27.57 -17.98
CA ALA A 933 19.12 -28.18 -17.24
C ALA A 933 17.80 -27.81 -17.90
N THR A 934 16.81 -28.69 -17.82
CA THR A 934 15.50 -28.33 -18.31
C THR A 934 14.73 -27.47 -17.32
N PHE A 935 13.64 -26.86 -17.78
CA PHE A 935 12.88 -25.99 -16.89
C PHE A 935 12.39 -26.77 -15.68
N THR A 936 11.86 -27.96 -15.96
CA THR A 936 11.38 -28.84 -14.92
C THR A 936 12.38 -28.98 -13.81
N GLN A 937 13.62 -29.24 -14.19
CA GLN A 937 14.67 -29.47 -13.20
C GLN A 937 14.89 -28.22 -12.35
N ILE A 938 14.98 -27.05 -12.98
CA ILE A 938 15.23 -25.90 -12.13
C ILE A 938 14.00 -25.55 -11.31
N CYS A 939 12.80 -25.81 -11.78
CA CYS A 939 11.66 -25.60 -10.86
C CYS A 939 11.79 -26.50 -9.63
N LYS A 940 12.41 -27.66 -9.78
CA LYS A 940 12.52 -28.55 -8.62
C LYS A 940 13.59 -28.06 -7.67
N MET A 941 14.55 -27.29 -8.20
CA MET A 941 15.64 -26.80 -7.39
C MET A 941 15.36 -25.52 -6.59
N THR A 942 14.11 -25.06 -6.54
CA THR A 942 13.80 -23.89 -5.74
C THR A 942 12.30 -23.74 -5.47
N ASP A 943 11.93 -22.97 -4.45
CA ASP A 943 10.51 -22.79 -4.17
C ASP A 943 9.96 -21.56 -4.86
N VAL A 944 10.84 -20.77 -5.44
CA VAL A 944 10.42 -19.62 -6.21
C VAL A 944 9.53 -20.09 -7.35
N TYR A 945 8.49 -19.32 -7.64
CA TYR A 945 7.48 -19.68 -8.61
C TYR A 945 8.03 -19.66 -10.03
N GLU A 946 7.43 -20.47 -10.90
CA GLU A 946 7.91 -20.56 -12.27
C GLU A 946 7.90 -19.18 -12.95
N GLY A 947 6.77 -18.50 -12.89
CA GLY A 947 6.70 -17.18 -13.50
C GLY A 947 7.73 -16.22 -12.95
N SER A 948 7.94 -16.28 -11.64
CA SER A 948 8.95 -15.45 -11.03
C SER A 948 10.29 -15.82 -11.60
N LEU A 949 10.49 -17.10 -11.86
CA LEU A 949 11.79 -17.53 -12.38
C LEU A 949 12.03 -16.86 -13.70
N ILE A 950 11.04 -16.93 -14.57
CA ILE A 950 11.21 -16.31 -15.86
C ILE A 950 11.36 -14.81 -15.74
N ARG A 951 10.70 -14.24 -14.76
CA ARG A 951 10.83 -12.81 -14.56
C ARG A 951 12.27 -12.47 -14.24
N MET A 952 12.87 -13.28 -13.36
CA MET A 952 14.24 -13.03 -12.92
C MET A 952 15.20 -13.18 -14.09
N PHE A 953 15.03 -14.21 -14.89
CA PHE A 953 15.87 -14.39 -16.07
C PHE A 953 15.80 -13.19 -16.99
N LYS A 954 14.59 -12.64 -17.12
CA LYS A 954 14.39 -11.54 -18.05
C LYS A 954 15.11 -10.32 -17.56
N ARG A 955 15.00 -10.04 -16.27
CA ARG A 955 15.81 -8.96 -15.70
C ARG A 955 17.28 -9.25 -15.89
N LEU A 956 17.64 -10.52 -15.74
CA LEU A 956 19.04 -10.88 -15.81
C LEU A 956 19.54 -10.56 -17.22
N GLU A 957 18.79 -10.99 -18.23
CA GLU A 957 19.10 -10.59 -19.60
C GLU A 957 19.29 -9.08 -19.76
N GLU A 958 18.36 -8.29 -19.23
CA GLU A 958 18.46 -6.85 -19.39
C GLU A 958 19.78 -6.36 -18.81
N LEU A 959 20.07 -6.78 -17.59
CA LEU A 959 21.32 -6.41 -16.95
C LEU A 959 22.49 -6.78 -17.84
N VAL A 960 22.45 -7.99 -18.36
CA VAL A 960 23.60 -8.43 -19.13
C VAL A 960 23.76 -7.53 -20.34
N LYS A 961 22.66 -7.25 -21.03
CA LYS A 961 22.74 -6.35 -22.18
C LYS A 961 23.37 -5.01 -21.78
N GLU A 962 23.02 -4.50 -20.60
CA GLU A 962 23.63 -3.26 -20.16
C GLU A 962 25.14 -3.45 -20.00
N LEU A 963 25.59 -4.62 -19.59
CA LEU A 963 27.02 -4.80 -19.43
C LEU A 963 27.68 -4.98 -20.77
N VAL A 964 27.00 -5.61 -21.70
CA VAL A 964 27.54 -5.74 -23.04
C VAL A 964 27.80 -4.34 -23.56
N ASP A 965 26.88 -3.46 -23.24
CA ASP A 965 26.94 -2.09 -23.71
C ASP A 965 28.16 -1.39 -23.12
N VAL A 966 28.38 -1.49 -21.82
CA VAL A 966 29.48 -0.75 -21.22
C VAL A 966 30.83 -1.30 -21.65
N ALA A 967 30.90 -2.62 -21.77
CA ALA A 967 32.14 -3.24 -22.19
C ALA A 967 32.48 -2.66 -23.53
N ASN A 968 31.47 -2.61 -24.40
CA ASN A 968 31.63 -2.10 -25.74
C ASN A 968 32.23 -0.72 -25.72
N THR A 969 31.72 0.12 -24.83
CA THR A 969 32.06 1.52 -24.86
C THR A 969 33.31 1.83 -24.04
N ILE A 970 34.02 0.80 -23.62
CA ILE A 970 35.34 1.03 -23.02
C ILE A 970 36.35 0.09 -23.64
N GLY A 971 35.95 -0.54 -24.74
CA GLY A 971 36.87 -1.33 -25.53
C GLY A 971 37.35 -2.62 -24.89
N ASN A 972 36.79 -2.97 -23.74
CA ASN A 972 37.15 -4.24 -23.11
C ASN A 972 36.56 -5.40 -23.89
N SER A 973 37.20 -5.78 -24.99
CA SER A 973 36.65 -6.80 -25.86
C SER A 973 36.40 -8.13 -25.16
N SER A 974 37.19 -8.41 -24.13
CA SER A 974 37.09 -9.71 -23.46
C SER A 974 35.82 -9.79 -22.65
N LEU A 975 35.57 -8.73 -21.87
CA LEU A 975 34.36 -8.65 -21.08
C LEU A 975 33.15 -8.80 -21.97
N LYS A 976 33.14 -8.02 -23.05
CA LYS A 976 32.00 -7.96 -23.95
C LYS A 976 31.64 -9.33 -24.45
N GLU A 977 32.64 -10.08 -24.88
CA GLU A 977 32.40 -11.40 -25.42
C GLU A 977 31.83 -12.31 -24.33
N LYS A 978 32.38 -12.20 -23.13
CA LYS A 978 31.91 -12.99 -22.01
C LYS A 978 30.42 -12.72 -21.78
N MET A 979 30.08 -11.45 -21.58
CA MET A 979 28.69 -11.06 -21.37
C MET A 979 27.79 -11.53 -22.51
N GLU A 980 28.28 -11.43 -23.74
CA GLU A 980 27.49 -11.88 -24.86
C GLU A 980 27.24 -13.36 -24.72
N ALA A 981 28.28 -14.11 -24.38
CA ALA A 981 28.15 -15.56 -24.25
C ALA A 981 27.08 -15.91 -23.22
N VAL A 982 27.06 -15.16 -22.13
CA VAL A 982 26.07 -15.38 -21.11
C VAL A 982 24.67 -15.26 -21.69
N LEU A 983 24.41 -14.17 -22.41
CA LEU A 983 23.13 -13.97 -23.09
C LEU A 983 22.70 -15.19 -23.88
N LYS A 984 23.63 -15.79 -24.61
CA LYS A 984 23.29 -16.94 -25.45
C LYS A 984 22.95 -18.13 -24.58
N LEU A 985 23.54 -18.22 -23.39
CA LEU A 985 23.22 -19.36 -22.54
C LEU A 985 21.84 -19.18 -21.93
N ILE A 986 21.54 -17.96 -21.51
CA ILE A 986 20.28 -17.73 -20.85
C ILE A 986 19.10 -17.79 -21.78
N HIS A 987 19.24 -17.19 -22.95
CA HIS A 987 18.10 -16.89 -23.78
C HIS A 987 17.67 -18.04 -24.65
N ARG A 988 16.92 -18.97 -24.07
CA ARG A 988 16.48 -20.15 -24.80
C ARG A 988 15.22 -20.78 -24.24
N ASP A 989 14.59 -21.61 -25.06
CA ASP A 989 13.41 -22.35 -24.68
C ASP A 989 12.37 -21.48 -24.01
N ILE A 990 11.79 -21.96 -22.92
CA ILE A 990 10.66 -21.27 -22.29
C ILE A 990 11.03 -19.84 -21.90
N VAL A 991 12.31 -19.59 -21.68
CA VAL A 991 12.75 -18.28 -21.27
C VAL A 991 12.71 -17.37 -22.47
N SER A 992 12.71 -17.95 -23.67
CA SER A 992 12.72 -17.11 -24.87
C SER A 992 11.35 -17.07 -25.53
N ALA A 993 10.34 -17.59 -24.84
CA ALA A 993 8.98 -17.58 -25.39
C ALA A 993 8.53 -16.14 -25.57
N GLY A 994 7.95 -15.85 -26.72
CA GLY A 994 7.47 -14.51 -26.99
C GLY A 994 6.10 -14.26 -26.39
N SER A 995 5.68 -13.00 -26.38
CA SER A 995 4.43 -12.63 -25.72
C SER A 995 3.23 -12.69 -26.65
N LEU A 996 2.09 -13.09 -26.10
CA LEU A 996 0.85 -13.14 -26.89
C LEU A 996 0.46 -11.81 -27.49
N TYR A 997 1.02 -10.74 -26.94
CA TYR A 997 0.57 -9.40 -27.31
C TYR A 997 1.42 -8.78 -28.40
N LEU A 998 2.54 -9.40 -28.77
CA LEU A 998 3.55 -8.67 -29.55
C LEU A 998 3.82 -9.24 -30.94
N THR B 9 40.43 -44.94 -0.14
CA THR B 9 41.00 -44.34 1.06
C THR B 9 39.95 -44.21 2.16
N ALA B 10 40.24 -43.40 3.18
CA ALA B 10 39.29 -43.17 4.27
C ALA B 10 38.04 -42.47 3.78
N PRO B 11 36.87 -43.02 4.12
CA PRO B 11 35.59 -42.49 3.64
C PRO B 11 35.04 -41.45 4.59
N PHE B 12 35.91 -40.81 5.37
CA PHE B 12 35.47 -39.77 6.27
C PHE B 12 36.51 -38.70 6.47
N VAL B 13 36.08 -37.57 7.03
CA VAL B 13 36.97 -36.51 7.48
C VAL B 13 36.92 -36.35 8.96
N VAL B 14 38.02 -35.93 9.56
CA VAL B 14 37.95 -35.44 10.92
C VAL B 14 37.55 -33.98 10.88
N ASP B 15 36.54 -33.58 11.65
CA ASP B 15 36.09 -32.19 11.63
C ASP B 15 35.54 -31.77 12.98
N THR B 16 36.34 -31.04 13.74
CA THR B 16 35.86 -30.59 15.03
C THR B 16 35.47 -29.14 14.98
N ALA B 17 35.22 -28.61 13.79
CA ALA B 17 34.91 -27.19 13.67
C ALA B 17 33.40 -26.98 13.54
N PRO B 18 32.90 -25.81 13.93
CA PRO B 18 31.47 -25.55 13.74
C PRO B 18 31.20 -24.91 12.42
N THR B 19 29.99 -25.07 11.94
CA THR B 19 29.55 -24.38 10.74
C THR B 19 28.27 -23.67 11.08
N THR B 20 28.18 -22.41 10.73
CA THR B 20 26.98 -21.65 11.01
C THR B 20 25.78 -22.33 10.35
N PRO B 21 24.76 -22.63 11.15
CA PRO B 21 23.57 -23.28 10.61
C PRO B 21 22.95 -22.43 9.51
N PRO B 22 22.43 -23.07 8.48
CA PRO B 22 21.82 -22.40 7.32
C PRO B 22 20.61 -21.59 7.73
N ASP B 23 20.44 -20.39 7.18
CA ASP B 23 19.28 -19.56 7.46
C ASP B 23 18.00 -20.17 6.90
N LYS B 24 18.12 -20.94 5.82
CA LYS B 24 16.95 -21.47 5.12
C LYS B 24 17.05 -22.96 4.86
N LEU B 25 15.90 -23.57 4.59
CA LEU B 25 15.85 -24.93 4.04
C LEU B 25 16.89 -25.11 2.96
N VAL B 26 17.49 -26.30 2.91
CA VAL B 26 18.42 -26.62 1.86
C VAL B 26 17.71 -26.99 0.60
N ALA B 27 17.97 -26.27 -0.48
CA ALA B 27 17.32 -26.60 -1.73
C ALA B 27 17.90 -27.87 -2.34
N PRO B 28 17.10 -28.55 -3.15
CA PRO B 28 17.63 -29.69 -3.87
C PRO B 28 18.70 -29.26 -4.84
N SER B 29 19.64 -30.15 -5.11
CA SER B 29 20.72 -29.86 -6.04
C SER B 29 20.42 -30.47 -7.39
N ILE B 30 21.18 -30.07 -8.41
CA ILE B 30 20.96 -30.58 -9.75
C ILE B 30 20.95 -32.11 -9.74
N GLU B 31 21.74 -32.72 -8.86
CA GLU B 31 21.83 -34.18 -8.86
C GLU B 31 20.52 -34.83 -8.43
N GLU B 32 19.72 -34.15 -7.62
CA GLU B 32 18.55 -34.81 -7.04
C GLU B 32 17.30 -34.71 -7.93
N VAL B 33 17.41 -34.04 -9.08
CA VAL B 33 16.21 -33.72 -9.81
C VAL B 33 16.25 -34.20 -11.24
N ASN B 34 15.18 -34.83 -11.69
CA ASN B 34 15.10 -35.29 -13.06
C ASN B 34 14.18 -34.39 -13.87
N SER B 35 14.03 -34.69 -15.14
CA SER B 35 13.23 -33.86 -16.01
C SER B 35 11.80 -34.35 -16.19
N ASN B 36 11.33 -35.23 -15.31
CA ASN B 36 9.95 -35.67 -15.43
C ASN B 36 8.99 -34.59 -14.95
N PRO B 37 8.24 -34.01 -15.89
CA PRO B 37 7.35 -32.91 -15.52
C PRO B 37 6.23 -33.31 -14.54
N ASN B 38 5.70 -34.51 -14.64
CA ASN B 38 4.55 -34.81 -13.78
C ASN B 38 4.93 -34.78 -12.30
N GLU B 39 6.22 -34.91 -12.02
CA GLU B 39 6.72 -34.92 -10.64
C GLU B 39 6.55 -33.58 -9.95
N LEU B 40 6.43 -32.52 -10.74
CA LEU B 40 6.29 -31.18 -10.17
C LEU B 40 5.08 -31.12 -9.26
N ARG B 41 4.08 -31.91 -9.61
CA ARG B 41 2.80 -31.84 -8.94
C ARG B 41 3.00 -32.10 -7.47
N ALA B 42 3.77 -33.14 -7.16
CA ALA B 42 4.05 -33.46 -5.77
C ALA B 42 5.14 -32.56 -5.22
N LEU B 43 6.21 -32.38 -5.98
CA LEU B 43 7.37 -31.69 -5.45
C LEU B 43 7.12 -30.20 -5.27
N ARG B 44 6.29 -29.62 -6.12
CA ARG B 44 6.14 -28.17 -6.12
C ARG B 44 4.69 -27.70 -6.19
N GLY B 45 3.75 -28.64 -6.30
CA GLY B 45 2.35 -28.29 -6.46
C GLY B 45 1.60 -28.16 -5.15
N GLN B 46 2.29 -28.24 -4.03
CA GLN B 46 1.61 -28.13 -2.76
C GLN B 46 0.84 -26.83 -2.68
N GLY B 47 -0.46 -26.95 -2.44
CA GLY B 47 -1.30 -25.79 -2.27
C GLY B 47 -1.33 -24.94 -3.51
N ARG B 48 -1.19 -25.58 -4.67
CA ARG B 48 -1.24 -24.82 -5.91
C ARG B 48 -2.15 -25.51 -6.90
N TYR B 49 -2.58 -24.77 -7.92
CA TYR B 49 -3.63 -25.28 -8.79
C TYR B 49 -3.24 -26.56 -9.46
N PHE B 50 -1.94 -26.81 -9.60
CA PHE B 50 -1.52 -27.99 -10.33
C PHE B 50 -1.04 -29.03 -9.35
N GLY B 51 -1.26 -28.79 -8.06
CA GLY B 51 -1.05 -29.81 -7.06
C GLY B 51 -1.92 -31.02 -7.32
N VAL B 52 -1.77 -32.05 -6.51
CA VAL B 52 -2.58 -33.24 -6.77
C VAL B 52 -3.86 -33.19 -5.94
N SER B 53 -4.98 -33.42 -6.61
CA SER B 53 -6.28 -33.38 -5.97
C SER B 53 -6.43 -34.56 -5.02
N ASP B 54 -7.47 -34.54 -4.21
CA ASP B 54 -7.71 -35.61 -3.25
C ASP B 54 -7.90 -36.97 -3.92
N ASP B 55 -8.22 -36.94 -5.21
CA ASP B 55 -8.47 -38.15 -5.98
C ASP B 55 -7.33 -39.17 -5.86
N ASP B 56 -6.13 -38.76 -6.23
CA ASP B 56 -4.95 -39.63 -6.20
C ASP B 56 -5.17 -40.91 -7.01
N ASN B 76 -30.85 0.71 -2.88
CA ASN B 76 -31.16 -0.70 -3.07
C ASN B 76 -31.52 -1.37 -1.74
N ASP B 77 -31.50 -2.70 -1.73
CA ASP B 77 -31.71 -3.43 -0.50
C ASP B 77 -30.52 -3.26 0.43
N ASP B 78 -30.81 -3.03 1.70
CA ASP B 78 -29.76 -2.85 2.68
C ASP B 78 -28.98 -4.15 2.87
N PHE B 79 -29.65 -5.27 2.67
CA PHE B 79 -29.06 -6.56 2.97
C PHE B 79 -29.32 -7.55 1.85
N ILE B 80 -28.28 -8.28 1.45
CA ILE B 80 -28.47 -9.35 0.49
C ILE B 80 -27.94 -10.65 1.08
N SER B 81 -28.81 -11.65 1.19
CA SER B 81 -28.44 -12.89 1.85
C SER B 81 -27.65 -13.83 0.95
N LEU B 82 -26.78 -14.62 1.55
CA LEU B 82 -26.08 -15.66 0.81
C LEU B 82 -27.06 -16.70 0.32
N SER B 83 -27.98 -17.07 1.21
CA SER B 83 -29.03 -18.05 0.93
C SER B 83 -28.49 -19.29 0.24
S SO4 C . 28.27 15.65 7.17
O1 SO4 C . 26.91 16.19 7.07
O2 SO4 C . 28.61 15.63 8.58
O3 SO4 C . 28.29 14.31 6.62
O4 SO4 C . 29.23 16.47 6.43
S SO4 D . -9.71 5.48 -18.93
O1 SO4 D . -9.81 6.56 -17.96
O2 SO4 D . -11.04 5.07 -19.36
O3 SO4 D . -9.05 4.34 -18.29
O4 SO4 D . -8.88 5.93 -20.05
S SO4 E . 30.65 19.43 -2.68
O1 SO4 E . 29.63 18.77 -1.88
O2 SO4 E . 31.06 20.66 -2.01
O3 SO4 E . 30.12 19.75 -4.00
O4 SO4 E . 31.81 18.55 -2.84
S SO4 F . 30.45 -27.49 5.74
O1 SO4 F . 29.00 -27.51 5.55
O2 SO4 F . 30.81 -27.07 7.09
O3 SO4 F . 31.00 -28.83 5.54
O4 SO4 F . 31.02 -26.55 4.77
S SO4 G . -10.34 10.69 39.85
O1 SO4 G . -11.18 11.22 38.77
O2 SO4 G . -11.17 10.01 40.84
O3 SO4 G . -9.37 9.76 39.29
O4 SO4 G . -9.63 11.78 40.49
S SO4 H . 1.85 -9.77 -7.95
O1 SO4 H . 1.15 -8.80 -7.10
O2 SO4 H . 1.08 -10.99 -8.10
O3 SO4 H . 2.07 -9.13 -9.25
O4 SO4 H . 3.13 -10.12 -7.34
S SO4 I . 36.63 13.93 0.55
O1 SO4 I . 35.33 14.33 -0.02
O2 SO4 I . 36.45 13.50 1.93
O3 SO4 I . 37.19 12.84 -0.25
O4 SO4 I . 37.54 15.07 0.50
C1 EDO J . 1.17 21.21 32.11
O1 EDO J . 0.20 20.65 31.23
C2 EDO J . 2.54 20.59 31.87
O2 EDO J . 3.48 21.11 32.83
C1 EDO K . -2.71 -0.16 -39.21
O1 EDO K . -2.61 -1.36 -38.44
C2 EDO K . -3.98 0.61 -38.85
O2 EDO K . -3.84 1.97 -39.30
CL CL L . -14.88 -30.25 -18.29
CL CL M . 8.09 -3.91 -14.34
O1 PG4 N . -47.37 -2.58 34.92
C1 PG4 N . -47.76 -1.63 33.93
C2 PG4 N . -47.01 -1.92 32.69
O2 PG4 N . -45.73 -1.31 32.77
C3 PG4 N . -45.64 -0.05 32.06
C4 PG4 N . -44.18 0.35 31.83
O3 PG4 N . -43.84 1.45 32.64
C5 PG4 N . -43.56 1.10 34.02
C6 PG4 N . -43.26 2.40 34.76
O4 PG4 N . -41.87 2.74 34.54
C7 PG4 N . -41.68 3.91 33.74
C8 PG4 N . -41.80 5.12 34.63
O5 PG4 N . -40.58 5.84 34.59
O1 PG4 O . 16.51 -10.73 -25.32
C1 PG4 O . 17.16 -10.68 -26.60
C2 PG4 O . 16.69 -9.50 -27.37
O2 PG4 O . 17.79 -8.90 -28.08
C3 PG4 O . 17.59 -7.53 -28.55
C4 PG4 O . 16.89 -6.72 -27.44
O3 PG4 O . 17.12 -5.33 -27.59
C5 PG4 O . 16.28 -4.50 -26.75
C6 PG4 O . 17.14 -4.01 -25.61
O4 PG4 O . 16.45 -4.09 -24.34
C7 PG4 O . 16.99 -3.21 -23.34
C8 PG4 O . 18.47 -3.44 -23.22
O5 PG4 O . 19.11 -2.38 -22.51
C1 PEG P . -18.85 -10.22 -21.01
O1 PEG P . -20.00 -10.77 -20.34
C2 PEG P . -17.60 -10.29 -20.09
O2 PEG P . -16.90 -9.02 -20.08
C3 PEG P . -15.53 -9.05 -19.59
C4 PEG P . -15.31 -7.82 -18.73
O4 PEG P . -14.05 -7.17 -18.95
#